data_6PGU
#
_entry.id   6PGU
#
_cell.length_a   66.253
_cell.length_b   97.599
_cell.length_c   105.932
_cell.angle_alpha   90.000
_cell.angle_beta   90.000
_cell.angle_gamma   90.000
#
_symmetry.space_group_name_H-M   'P 21 21 21'
#
loop_
_entity.id
_entity.type
_entity.pdbx_description
1 polymer 'Histone acetyltransferase p300'
2 non-polymer 'COENZYME A'
3 non-polymer N-(thiophen-2-yl)acetamide
4 water water
#
_entity_poly.entity_id   1
_entity_poly.type   'polypeptide(L)'
_entity_poly.pdbx_seq_one_letter_code
;GSKFSAKRLPSTRLGTFLENRVNDFLRRQNHPESGEVTVRVVHASDKTVEVKPGMKARFVDSGEMAESFPYRTKALFAFE
EIDGVDLCFFGMHVQEYGSDCPPPNQRRVYISYLDSVHFFRPKCLRTAVYHEILIGYLEYVKKLGYTTGHIWACPPSEGD
DYIFHCHPPDQKIPKPKRLQEWFKKMLDKAVSERIVHDYKDIFKQATEDRLTSAKELPYFEGDFWPNVLEESIKESGGSG
SQKLYATMEKHKEVFFVIRLIAGPAANSLPPIVDPDPLIPCDLMDGRDAFLTLARDKHLEFSSLRRAQWSTMCMLVELHT
QSQ
;
_entity_poly.pdbx_strand_id   A,B
#
loop_
_chem_comp.id
_chem_comp.type
_chem_comp.name
_chem_comp.formula
COA non-polymer 'COENZYME A' 'C21 H36 N7 O16 P3 S'
OK7 non-polymer N-(thiophen-2-yl)acetamide 'C6 H7 N O S'
#
# COMPACT_ATOMS: atom_id res chain seq x y z
N SER A 2 -29.45 -16.95 0.98
CA SER A 2 -28.81 -15.69 1.30
C SER A 2 -28.75 -14.87 0.04
N LYS A 3 -29.11 -13.62 0.19
CA LYS A 3 -28.78 -12.66 -0.82
C LYS A 3 -27.26 -12.38 -0.89
N PHE A 4 -26.44 -12.90 0.02
CA PHE A 4 -25.00 -12.68 0.00
C PHE A 4 -24.22 -13.99 -0.22
N SER A 5 -24.78 -14.89 -1.01
CA SER A 5 -24.17 -16.22 -1.19
C SER A 5 -22.87 -16.16 -1.97
N ALA A 6 -22.02 -17.21 -1.85
CA ALA A 6 -20.82 -17.33 -2.67
C ALA A 6 -21.21 -17.32 -4.13
N LYS A 7 -22.23 -18.10 -4.47
CA LYS A 7 -22.59 -18.20 -5.88
C LYS A 7 -22.99 -16.86 -6.51
N ARG A 8 -23.51 -15.94 -5.71
CA ARG A 8 -23.89 -14.64 -6.20
C ARG A 8 -22.70 -13.66 -6.38
N LEU A 9 -21.52 -14.00 -5.93
CA LEU A 9 -20.35 -13.22 -6.27
C LEU A 9 -20.13 -13.20 -7.77
N PRO A 10 -19.65 -12.06 -8.29
CA PRO A 10 -19.47 -11.97 -9.74
C PRO A 10 -18.57 -13.09 -10.33
N SER A 11 -19.02 -13.62 -11.46
CA SER A 11 -18.27 -14.68 -12.15
C SER A 11 -17.11 -14.07 -12.95
N THR A 12 -16.12 -14.92 -13.20
CA THR A 12 -14.95 -14.62 -14.04
C THR A 12 -14.76 -15.89 -14.92
N ARG A 13 -14.07 -15.71 -16.04
CA ARG A 13 -13.73 -16.87 -16.87
C ARG A 13 -12.83 -17.83 -16.06
N LEU A 14 -11.85 -17.27 -15.33
CA LEU A 14 -10.97 -18.11 -14.50
C LEU A 14 -11.75 -18.91 -13.43
N GLY A 15 -12.61 -18.24 -12.70
CA GLY A 15 -13.37 -18.93 -11.66
C GLY A 15 -14.33 -19.97 -12.20
N THR A 16 -14.98 -19.64 -13.29
CA THR A 16 -15.84 -20.57 -13.99
C THR A 16 -15.09 -21.83 -14.44
N PHE A 17 -13.92 -21.60 -15.06
CA PHE A 17 -13.05 -22.71 -15.52
C PHE A 17 -12.68 -23.63 -14.34
N LEU A 18 -12.27 -23.05 -13.21
CA LEU A 18 -11.87 -23.89 -12.09
C LEU A 18 -13.05 -24.64 -11.44
N GLU A 19 -14.18 -23.97 -11.26
CA GLU A 19 -15.29 -24.61 -10.63
C GLU A 19 -15.85 -25.65 -11.52
N ASN A 20 -15.85 -25.45 -12.81
CA ASN A 20 -16.42 -26.50 -13.70
C ASN A 20 -15.53 -27.76 -13.63
N ARG A 21 -14.21 -27.56 -13.59
CA ARG A 21 -13.27 -28.71 -13.48
C ARG A 21 -13.53 -29.48 -12.18
N VAL A 22 -13.63 -28.74 -11.06
CA VAL A 22 -13.90 -29.39 -9.77
C VAL A 22 -15.22 -30.08 -9.74
N ASN A 23 -16.30 -29.44 -10.18
CA ASN A 23 -17.57 -30.11 -10.10
C ASN A 23 -17.66 -31.31 -11.07
N ASP A 24 -17.00 -31.24 -12.20
CA ASP A 24 -16.95 -32.41 -13.06
C ASP A 24 -16.23 -33.60 -12.38
N PHE A 25 -15.13 -33.30 -11.68
CA PHE A 25 -14.44 -34.29 -10.86
C PHE A 25 -15.43 -34.85 -9.87
N LEU A 26 -16.16 -33.99 -9.17
CA LEU A 26 -17.09 -34.48 -8.17
C LEU A 26 -18.22 -35.37 -8.81
N ARG A 27 -18.74 -34.95 -9.97
CA ARG A 27 -19.79 -35.75 -10.63
C ARG A 27 -19.25 -37.13 -10.96
N ARG A 28 -18.02 -37.19 -11.40
CA ARG A 28 -17.39 -38.49 -11.70
C ARG A 28 -17.27 -39.37 -10.45
N GLN A 29 -16.87 -38.78 -9.35
CA GLN A 29 -16.74 -39.55 -8.12
C GLN A 29 -18.08 -40.03 -7.57
N ASN A 30 -19.14 -39.21 -7.68
CA ASN A 30 -20.50 -39.59 -7.37
C ASN A 30 -20.68 -39.99 -5.93
N HIS A 31 -20.06 -39.19 -5.04
CA HIS A 31 -20.14 -39.43 -3.61
C HIS A 31 -21.34 -38.71 -3.00
N PRO A 32 -22.09 -39.41 -2.16
CA PRO A 32 -23.34 -38.86 -1.67
C PRO A 32 -23.20 -37.64 -0.75
N GLU A 33 -22.01 -37.40 -0.18
CA GLU A 33 -21.80 -36.30 0.78
C GLU A 33 -21.26 -35.01 0.09
N SER A 34 -20.88 -35.08 -1.19
CA SER A 34 -20.30 -33.95 -1.89
C SER A 34 -21.35 -32.90 -2.12
N GLY A 35 -20.91 -31.65 -2.06
CA GLY A 35 -21.74 -30.53 -2.34
C GLY A 35 -21.14 -29.66 -3.42
N GLU A 36 -21.96 -28.82 -4.04
CA GLU A 36 -21.44 -28.06 -5.13
C GLU A 36 -20.29 -27.11 -4.70
N VAL A 37 -19.24 -27.03 -5.53
CA VAL A 37 -18.16 -26.07 -5.35
C VAL A 37 -18.36 -24.84 -6.23
N THR A 38 -18.02 -23.69 -5.64
N THR A 38 -18.19 -23.66 -5.62
CA THR A 38 -18.10 -22.38 -6.22
CA THR A 38 -18.03 -22.41 -6.34
C THR A 38 -16.69 -21.76 -6.11
C THR A 38 -16.60 -21.93 -6.17
N VAL A 39 -16.06 -21.34 -7.22
CA VAL A 39 -14.77 -20.69 -7.16
C VAL A 39 -14.92 -19.28 -7.66
N ARG A 40 -14.47 -18.32 -6.84
CA ARG A 40 -14.66 -16.94 -7.23
C ARG A 40 -13.31 -16.22 -7.13
N VAL A 41 -13.02 -15.46 -8.18
CA VAL A 41 -11.90 -14.46 -8.14
C VAL A 41 -12.45 -13.20 -7.57
N VAL A 42 -11.88 -12.78 -6.47
CA VAL A 42 -12.39 -11.64 -5.71
C VAL A 42 -11.51 -10.42 -5.67
N HIS A 43 -10.38 -10.48 -6.36
CA HIS A 43 -9.45 -9.36 -6.44
C HIS A 43 -8.59 -9.60 -7.65
N ALA A 44 -8.41 -8.55 -8.44
CA ALA A 44 -7.41 -8.61 -9.49
C ALA A 44 -6.94 -7.16 -9.69
N SER A 45 -5.63 -6.95 -9.57
CA SER A 45 -5.09 -5.59 -9.71
C SER A 45 -3.69 -5.64 -10.29
N ASP A 46 -3.33 -4.53 -10.92
CA ASP A 46 -1.97 -4.35 -11.45
C ASP A 46 -0.99 -3.80 -10.44
N LYS A 47 0.19 -4.39 -10.46
CA LYS A 47 1.20 -4.13 -9.48
C LYS A 47 2.55 -4.09 -10.18
N THR A 48 3.59 -3.65 -9.46
CA THR A 48 4.93 -3.76 -10.01
C THR A 48 5.85 -4.22 -8.90
N VAL A 49 6.83 -5.07 -9.19
CA VAL A 49 7.79 -5.46 -8.18
C VAL A 49 9.10 -4.78 -8.51
N GLU A 50 9.66 -4.07 -7.53
CA GLU A 50 10.82 -3.21 -7.73
C GLU A 50 12.10 -3.96 -7.31
N VAL A 51 13.11 -3.94 -8.18
CA VAL A 51 14.40 -4.56 -7.85
C VAL A 51 15.04 -3.83 -6.66
N LYS A 52 15.37 -4.61 -5.66
CA LYS A 52 15.98 -4.01 -4.44
C LYS A 52 17.39 -3.34 -4.65
N PRO A 53 17.89 -2.58 -3.66
CA PRO A 53 19.03 -1.67 -3.90
C PRO A 53 20.29 -2.34 -4.41
N GLY A 54 20.61 -3.48 -3.82
CA GLY A 54 21.88 -4.15 -4.12
C GLY A 54 21.86 -4.67 -5.55
N MET A 55 20.77 -5.38 -5.87
CA MET A 55 20.57 -5.89 -7.20
C MET A 55 20.43 -4.71 -8.18
N LYS A 56 19.83 -3.59 -7.76
CA LYS A 56 19.64 -2.47 -8.64
C LYS A 56 20.98 -1.87 -9.00
N ALA A 57 21.81 -1.63 -7.99
CA ALA A 57 23.13 -1.03 -8.20
C ALA A 57 23.98 -1.87 -9.13
N ARG A 58 23.88 -3.20 -8.96
CA ARG A 58 24.70 -4.14 -9.73
C ARG A 58 24.23 -4.30 -11.18
N PHE A 59 22.96 -4.51 -11.37
CA PHE A 59 22.46 -4.90 -12.70
C PHE A 59 21.50 -3.90 -13.35
N VAL A 60 20.72 -3.20 -12.55
CA VAL A 60 19.80 -2.24 -13.12
C VAL A 60 20.48 -0.97 -13.66
N ASP A 61 21.39 -0.44 -12.86
CA ASP A 61 21.96 0.85 -13.20
C ASP A 61 22.86 0.71 -14.41
N SER A 62 23.43 -0.47 -14.58
CA SER A 62 24.25 -0.80 -15.74
C SER A 62 23.47 -1.19 -17.01
N GLY A 63 22.15 -1.30 -16.93
CA GLY A 63 21.33 -1.61 -18.10
C GLY A 63 21.21 -3.11 -18.34
N GLU A 64 21.62 -3.94 -17.39
CA GLU A 64 21.55 -5.37 -17.56
C GLU A 64 20.19 -5.99 -17.13
N MET A 65 19.36 -5.25 -16.40
CA MET A 65 18.13 -5.78 -15.82
C MET A 65 17.13 -4.65 -15.68
N ALA A 66 15.87 -4.95 -15.93
CA ALA A 66 14.81 -3.98 -15.75
C ALA A 66 14.76 -3.57 -14.30
N GLU A 67 14.31 -2.34 -14.11
CA GLU A 67 14.24 -1.75 -12.80
C GLU A 67 13.10 -2.32 -11.96
N SER A 68 12.02 -2.71 -12.65
CA SER A 68 10.82 -3.31 -12.01
C SER A 68 10.10 -4.14 -13.05
N PHE A 69 9.18 -4.97 -12.54
CA PHE A 69 8.46 -5.91 -13.33
C PHE A 69 6.97 -5.80 -13.02
N PRO A 70 6.17 -5.52 -14.05
CA PRO A 70 4.73 -5.47 -13.88
C PRO A 70 4.06 -6.85 -13.82
N TYR A 71 3.08 -6.94 -12.94
CA TYR A 71 2.29 -8.18 -12.82
C TYR A 71 0.88 -7.85 -12.42
N ARG A 72 -0.02 -8.81 -12.60
CA ARG A 72 -1.35 -8.74 -12.00
C ARG A 72 -1.44 -9.71 -10.85
N THR A 73 -1.95 -9.24 -9.73
CA THR A 73 -2.27 -10.13 -8.60
C THR A 73 -3.73 -10.53 -8.65
N LYS A 74 -4.02 -11.81 -8.33
CA LYS A 74 -5.42 -12.30 -8.23
C LYS A 74 -5.57 -13.02 -6.88
N ALA A 75 -6.74 -12.91 -6.27
CA ALA A 75 -7.08 -13.67 -5.09
C ALA A 75 -8.30 -14.51 -5.45
N LEU A 76 -8.27 -15.79 -5.17
CA LEU A 76 -9.43 -16.57 -5.41
C LEU A 76 -9.70 -17.51 -4.28
N PHE A 77 -10.98 -17.87 -4.16
CA PHE A 77 -11.46 -18.70 -3.08
C PHE A 77 -12.41 -19.76 -3.58
N ALA A 78 -12.42 -20.91 -2.92
CA ALA A 78 -13.34 -21.98 -3.26
C ALA A 78 -14.24 -22.19 -2.06
N PHE A 79 -15.50 -22.49 -2.35
CA PHE A 79 -16.56 -22.69 -1.37
C PHE A 79 -17.30 -23.96 -1.68
N GLU A 80 -17.73 -24.68 -0.65
CA GLU A 80 -18.56 -25.84 -0.85
C GLU A 80 -19.83 -25.62 -0.11
N GLU A 81 -20.92 -25.98 -0.76
CA GLU A 81 -22.21 -25.92 -0.13
C GLU A 81 -22.36 -27.14 0.76
N ILE A 82 -22.50 -26.91 2.07
CA ILE A 82 -22.65 -27.99 3.07
C ILE A 82 -23.94 -27.61 3.84
N ASP A 83 -25.00 -28.39 3.61
CA ASP A 83 -26.24 -28.28 4.36
C ASP A 83 -26.93 -26.98 3.88
N GLY A 84 -26.83 -26.69 2.57
CA GLY A 84 -27.37 -25.47 1.99
C GLY A 84 -26.70 -24.20 2.50
N VAL A 85 -25.51 -24.31 3.12
CA VAL A 85 -24.77 -23.18 3.72
C VAL A 85 -23.38 -23.19 3.09
N ASP A 86 -22.88 -22.02 2.70
CA ASP A 86 -21.54 -21.95 2.10
C ASP A 86 -20.45 -22.15 3.15
N LEU A 87 -19.40 -22.83 2.73
CA LEU A 87 -18.22 -22.95 3.56
C LEU A 87 -17.01 -22.62 2.70
N CYS A 88 -16.22 -21.59 3.05
CA CYS A 88 -14.98 -21.31 2.35
C CYS A 88 -13.91 -22.25 2.84
N PHE A 89 -13.27 -22.99 1.93
CA PHE A 89 -12.38 -24.05 2.36
C PHE A 89 -10.98 -23.94 1.72
N PHE A 90 -10.82 -23.08 0.75
CA PHE A 90 -9.54 -22.97 0.03
C PHE A 90 -9.37 -21.55 -0.46
N GLY A 91 -8.15 -21.01 -0.34
CA GLY A 91 -7.84 -19.71 -0.94
C GLY A 91 -6.42 -19.69 -1.51
N MET A 92 -6.20 -18.82 -2.52
CA MET A 92 -4.90 -18.68 -3.12
C MET A 92 -4.77 -17.27 -3.62
N HIS A 93 -3.54 -16.73 -3.54
CA HIS A 93 -3.19 -15.49 -4.20
C HIS A 93 -2.05 -15.87 -5.19
N VAL A 94 -2.12 -15.32 -6.37
CA VAL A 94 -1.15 -15.56 -7.44
C VAL A 94 -0.65 -14.22 -8.02
N GLN A 95 0.55 -14.26 -8.60
CA GLN A 95 1.17 -13.17 -9.32
C GLN A 95 1.34 -13.66 -10.76
N GLU A 96 0.87 -12.88 -11.73
CA GLU A 96 0.89 -13.27 -13.13
C GLU A 96 1.67 -12.20 -13.91
N TYR A 97 2.78 -12.63 -14.46
CA TYR A 97 3.70 -11.81 -15.22
C TYR A 97 3.47 -12.17 -16.71
N GLY A 98 2.86 -11.23 -17.40
CA GLY A 98 2.45 -11.48 -18.76
C GLY A 98 3.47 -11.38 -19.83
N SER A 99 2.96 -11.27 -21.10
CA SER A 99 3.84 -11.34 -22.25
C SER A 99 4.62 -10.07 -22.52
N ASP A 100 4.17 -8.95 -22.01
CA ASP A 100 4.95 -7.70 -22.06
C ASP A 100 5.90 -7.46 -20.85
N CYS A 101 5.91 -8.36 -19.87
CA CYS A 101 6.78 -8.19 -18.73
C CYS A 101 8.18 -8.53 -19.24
N PRO A 102 9.19 -7.75 -18.85
CA PRO A 102 10.56 -7.99 -19.30
C PRO A 102 11.12 -9.27 -18.75
N PRO A 103 11.93 -9.98 -19.54
CA PRO A 103 12.73 -11.04 -18.97
C PRO A 103 13.47 -10.52 -17.72
N PRO A 104 13.71 -11.38 -16.71
CA PRO A 104 13.51 -12.82 -16.62
C PRO A 104 12.13 -13.27 -16.23
N ASN A 105 11.18 -12.38 -16.14
CA ASN A 105 9.92 -12.71 -15.56
C ASN A 105 8.79 -13.02 -16.55
N GLN A 106 9.09 -12.89 -17.84
CA GLN A 106 8.07 -12.96 -18.92
C GLN A 106 7.30 -14.28 -18.91
N ARG A 107 5.96 -14.19 -18.97
CA ARG A 107 5.03 -15.33 -19.16
C ARG A 107 5.20 -16.33 -18.01
N ARG A 108 5.25 -15.84 -16.77
CA ARG A 108 5.39 -16.70 -15.60
C ARG A 108 4.26 -16.44 -14.61
N VAL A 109 3.86 -17.48 -13.87
CA VAL A 109 2.95 -17.31 -12.76
C VAL A 109 3.65 -17.81 -11.49
N TYR A 110 3.36 -17.16 -10.40
CA TYR A 110 3.90 -17.45 -9.08
C TYR A 110 2.77 -17.57 -8.10
N ILE A 111 2.70 -18.71 -7.39
CA ILE A 111 1.68 -18.85 -6.32
C ILE A 111 2.20 -18.26 -5.00
N SER A 112 1.74 -17.08 -4.66
CA SER A 112 2.21 -16.32 -3.47
C SER A 112 1.88 -17.08 -2.17
N TYR A 113 0.63 -17.53 -2.08
CA TYR A 113 0.12 -18.06 -0.82
C TYR A 113 -1.04 -18.94 -1.22
N LEU A 114 -1.13 -20.08 -0.52
CA LEU A 114 -2.34 -20.90 -0.53
C LEU A 114 -2.61 -21.43 0.84
N ASP A 115 -3.91 -21.66 1.13
CA ASP A 115 -4.31 -22.05 2.43
C ASP A 115 -5.64 -22.77 2.36
N SER A 116 -5.96 -23.55 3.40
CA SER A 116 -7.20 -24.26 3.43
C SER A 116 -7.73 -24.45 4.85
N VAL A 117 -9.01 -24.81 4.92
CA VAL A 117 -9.68 -25.12 6.18
C VAL A 117 -10.37 -26.47 5.96
N HIS A 118 -9.93 -27.51 6.72
CA HIS A 118 -10.20 -28.92 6.32
C HIS A 118 -11.60 -29.52 6.44
N PHE A 119 -12.63 -28.71 6.28
CA PHE A 119 -13.99 -29.21 6.45
C PHE A 119 -14.71 -29.64 5.17
N PHE A 120 -13.99 -29.72 4.05
CA PHE A 120 -14.59 -30.23 2.84
C PHE A 120 -15.21 -31.62 3.10
N ARG A 121 -16.40 -31.83 2.54
CA ARG A 121 -17.14 -33.10 2.66
C ARG A 121 -17.35 -33.68 1.25
N PRO A 122 -17.01 -34.95 1.05
CA PRO A 122 -16.46 -35.87 2.05
C PRO A 122 -14.95 -35.70 2.22
N LYS A 123 -14.47 -36.02 3.43
CA LYS A 123 -13.04 -35.96 3.73
C LYS A 123 -12.16 -36.67 2.73
N CYS A 124 -12.60 -37.82 2.24
CA CYS A 124 -11.82 -38.67 1.31
C CYS A 124 -11.63 -38.05 -0.07
N LEU A 125 -12.34 -36.97 -0.37
CA LEU A 125 -12.08 -36.17 -1.59
C LEU A 125 -11.37 -34.81 -1.41
N ARG A 126 -11.07 -34.42 -0.17
CA ARG A 126 -10.51 -33.11 0.06
C ARG A 126 -9.22 -32.89 -0.74
N THR A 127 -8.21 -33.73 -0.52
CA THR A 127 -6.92 -33.55 -1.21
C THR A 127 -7.10 -33.54 -2.70
N ALA A 128 -7.95 -34.48 -3.14
CA ALA A 128 -8.18 -34.57 -4.58
C ALA A 128 -8.73 -33.29 -5.17
N VAL A 129 -9.63 -32.67 -4.43
CA VAL A 129 -10.22 -31.37 -4.87
C VAL A 129 -9.21 -30.24 -4.89
N TYR A 130 -8.36 -30.16 -3.86
CA TYR A 130 -7.29 -29.17 -3.89
C TYR A 130 -6.41 -29.37 -5.08
N HIS A 131 -6.06 -30.62 -5.41
CA HIS A 131 -5.24 -30.87 -6.58
C HIS A 131 -5.99 -30.46 -7.85
N GLU A 132 -7.33 -30.70 -7.94
CA GLU A 132 -8.03 -30.28 -9.09
C GLU A 132 -7.99 -28.75 -9.32
N ILE A 133 -8.09 -27.99 -8.23
CA ILE A 133 -7.99 -26.57 -8.32
C ILE A 133 -6.62 -26.15 -8.86
N LEU A 134 -5.57 -26.73 -8.35
CA LEU A 134 -4.27 -26.32 -8.72
C LEU A 134 -3.95 -26.74 -10.16
N ILE A 135 -4.29 -27.98 -10.48
CA ILE A 135 -4.09 -28.45 -11.86
C ILE A 135 -4.88 -27.58 -12.83
N GLY A 136 -6.14 -27.22 -12.47
CA GLY A 136 -6.94 -26.34 -13.30
C GLY A 136 -6.32 -25.00 -13.54
N TYR A 137 -5.78 -24.44 -12.48
CA TYR A 137 -5.13 -23.14 -12.57
C TYR A 137 -3.94 -23.22 -13.56
N LEU A 138 -3.09 -24.24 -13.44
CA LEU A 138 -1.99 -24.45 -14.39
C LEU A 138 -2.50 -24.65 -15.81
N GLU A 139 -3.56 -25.46 -15.94
CA GLU A 139 -4.19 -25.67 -17.26
C GLU A 139 -4.69 -24.37 -17.89
N TYR A 140 -5.27 -23.53 -17.08
CA TYR A 140 -5.85 -22.28 -17.56
C TYR A 140 -4.78 -21.30 -17.99
N VAL A 141 -3.77 -21.11 -17.14
CA VAL A 141 -2.69 -20.18 -17.55
C VAL A 141 -1.92 -20.70 -18.75
N LYS A 142 -1.68 -22.01 -18.83
CA LYS A 142 -1.10 -22.62 -20.02
C LYS A 142 -1.88 -22.21 -21.28
N LYS A 143 -3.21 -22.45 -21.25
CA LYS A 143 -4.07 -22.07 -22.36
C LYS A 143 -3.91 -20.61 -22.76
N LEU A 144 -3.75 -19.68 -21.79
CA LEU A 144 -3.56 -18.28 -22.12
C LEU A 144 -2.20 -17.94 -22.69
N GLY A 145 -1.20 -18.78 -22.43
CA GLY A 145 0.12 -18.62 -22.95
C GLY A 145 1.24 -18.30 -21.94
N TYR A 146 1.00 -18.58 -20.66
CA TYR A 146 2.05 -18.52 -19.68
C TYR A 146 2.83 -19.81 -19.83
N THR A 147 4.15 -19.72 -19.76
CA THR A 147 5.05 -20.81 -20.05
C THR A 147 5.52 -21.58 -18.80
N THR A 148 5.50 -20.95 -17.62
CA THR A 148 6.16 -21.51 -16.46
C THR A 148 5.44 -21.08 -15.23
N GLY A 149 5.32 -22.00 -14.27
CA GLY A 149 4.68 -21.78 -12.99
C GLY A 149 5.74 -21.95 -11.91
N HIS A 150 5.55 -21.24 -10.82
CA HIS A 150 6.50 -21.23 -9.73
C HIS A 150 5.77 -21.40 -8.42
N ILE A 151 6.15 -22.45 -7.67
CA ILE A 151 5.57 -22.81 -6.40
C ILE A 151 6.59 -23.01 -5.31
N TRP A 152 6.33 -22.35 -4.17
CA TRP A 152 7.17 -22.30 -2.93
C TRP A 152 6.44 -23.16 -1.92
N ALA A 153 7.02 -24.33 -1.61
CA ALA A 153 6.39 -25.30 -0.73
C ALA A 153 6.91 -25.15 0.67
N CYS A 154 6.51 -24.07 1.36
CA CYS A 154 6.89 -23.88 2.74
C CYS A 154 5.63 -23.84 3.59
N PRO A 155 5.51 -24.78 4.54
CA PRO A 155 4.33 -24.74 5.38
C PRO A 155 4.47 -23.60 6.36
N PRO A 156 3.34 -23.13 6.90
CA PRO A 156 3.40 -22.08 7.90
C PRO A 156 3.97 -22.62 9.22
N SER A 157 4.74 -21.79 9.89
CA SER A 157 5.20 -22.14 11.24
C SER A 157 3.99 -22.23 12.15
N GLU A 158 4.12 -22.99 13.23
CA GLU A 158 3.03 -23.19 14.17
C GLU A 158 2.42 -21.83 14.57
N GLY A 159 1.09 -21.80 14.61
CA GLY A 159 0.34 -20.59 15.03
C GLY A 159 0.21 -19.47 13.99
N ASP A 160 0.86 -19.63 12.85
CA ASP A 160 0.83 -18.65 11.79
C ASP A 160 -0.21 -19.12 10.78
N ASP A 161 -1.04 -18.18 10.31
CA ASP A 161 -2.08 -18.51 9.32
C ASP A 161 -1.73 -17.78 8.04
N TYR A 162 -1.69 -18.48 6.92
CA TYR A 162 -1.41 -17.79 5.69
C TYR A 162 -2.55 -16.95 5.19
N ILE A 163 -3.76 -17.48 5.18
CA ILE A 163 -4.91 -16.76 4.66
C ILE A 163 -6.08 -16.73 5.63
N PHE A 164 -6.39 -17.90 6.27
CA PHE A 164 -7.54 -18.03 7.15
C PHE A 164 -7.17 -17.95 8.60
N HIS A 165 -7.77 -17.03 9.29
CA HIS A 165 -7.51 -16.82 10.70
C HIS A 165 -8.04 -17.97 11.55
N CYS A 166 -7.16 -18.54 12.37
N CYS A 166 -7.21 -18.48 12.46
CA CYS A 166 -7.50 -19.49 13.43
CA CYS A 166 -7.56 -19.54 13.43
C CYS A 166 -8.02 -20.79 12.86
C CYS A 166 -8.03 -20.79 12.77
N HIS A 167 -7.07 -21.63 12.42
CA HIS A 167 -7.37 -22.92 11.88
C HIS A 167 -7.89 -23.88 12.95
N PRO A 168 -8.50 -24.99 12.54
CA PRO A 168 -8.96 -25.98 13.48
C PRO A 168 -7.79 -26.62 14.19
N PRO A 169 -7.95 -26.87 15.49
CA PRO A 169 -6.83 -27.37 16.27
C PRO A 169 -6.39 -28.74 15.81
N ASP A 170 -7.29 -29.53 15.21
CA ASP A 170 -6.84 -30.86 14.78
C ASP A 170 -6.55 -30.91 13.28
N GLN A 171 -6.47 -29.74 12.64
CA GLN A 171 -6.01 -29.65 11.25
C GLN A 171 -4.50 -29.69 11.30
N LYS A 172 -3.92 -30.84 11.08
CA LYS A 172 -2.46 -30.93 11.18
C LYS A 172 -1.80 -30.12 10.10
N ILE A 173 -0.58 -29.64 10.44
CA ILE A 173 0.14 -28.81 9.50
C ILE A 173 1.25 -29.71 8.94
N PRO A 174 1.33 -29.84 7.62
CA PRO A 174 2.26 -30.85 7.11
C PRO A 174 3.74 -30.42 7.33
N LYS A 175 4.61 -31.39 7.56
CA LYS A 175 6.01 -31.06 7.56
C LYS A 175 6.48 -30.75 6.12
N PRO A 176 7.64 -30.08 5.98
CA PRO A 176 8.07 -29.77 4.62
C PRO A 176 8.18 -31.03 3.74
N LYS A 177 8.61 -32.19 4.27
CA LYS A 177 8.68 -33.38 3.37
C LYS A 177 7.31 -33.78 2.81
N ARG A 178 6.31 -33.82 3.70
CA ARG A 178 4.95 -34.11 3.30
C ARG A 178 4.41 -33.12 2.27
N LEU A 179 4.61 -31.84 2.49
CA LEU A 179 4.04 -30.87 1.58
C LEU A 179 4.71 -30.95 0.20
N GLN A 180 6.02 -31.16 0.20
CA GLN A 180 6.73 -31.32 -1.06
C GLN A 180 6.19 -32.55 -1.83
N GLU A 181 5.92 -33.64 -1.15
N GLU A 181 5.93 -33.66 -1.15
CA GLU A 181 5.44 -34.83 -1.84
CA GLU A 181 5.44 -34.89 -1.80
C GLU A 181 4.06 -34.54 -2.37
C GLU A 181 4.02 -34.66 -2.28
N TRP A 182 3.29 -33.82 -1.57
CA TRP A 182 1.91 -33.45 -1.94
C TRP A 182 1.89 -32.63 -3.22
N PHE A 183 2.79 -31.68 -3.36
CA PHE A 183 2.91 -30.92 -4.58
C PHE A 183 3.36 -31.83 -5.72
N LYS A 184 4.31 -32.73 -5.47
CA LYS A 184 4.74 -33.66 -6.52
C LYS A 184 3.59 -34.52 -7.04
N LYS A 185 2.78 -34.99 -6.13
CA LYS A 185 1.61 -35.78 -6.51
C LYS A 185 0.68 -35.01 -7.44
N MET A 186 0.43 -33.75 -7.09
CA MET A 186 -0.41 -32.82 -7.92
C MET A 186 0.25 -32.63 -9.28
N LEU A 187 1.60 -32.38 -9.31
CA LEU A 187 2.27 -32.11 -10.56
C LEU A 187 2.35 -33.35 -11.45
N ASP A 188 2.54 -34.52 -10.83
CA ASP A 188 2.53 -35.77 -11.57
C ASP A 188 1.22 -36.04 -12.31
N LYS A 189 0.12 -35.73 -11.65
CA LYS A 189 -1.21 -35.85 -12.25
C LYS A 189 -1.25 -34.88 -13.41
N ALA A 190 -0.84 -33.65 -13.23
CA ALA A 190 -0.80 -32.70 -14.35
C ALA A 190 0.08 -33.15 -15.50
N VAL A 191 1.21 -33.78 -15.22
CA VAL A 191 2.04 -34.39 -16.26
C VAL A 191 1.30 -35.45 -17.06
N SER A 192 0.58 -36.29 -16.34
N SER A 192 0.57 -36.31 -16.35
CA SER A 192 -0.13 -37.39 -16.96
CA SER A 192 -0.12 -37.42 -17.00
C SER A 192 -1.18 -36.84 -17.93
C SER A 192 -1.26 -36.89 -17.88
N GLU A 193 -1.78 -35.72 -17.51
CA GLU A 193 -2.86 -35.09 -18.25
C GLU A 193 -2.35 -34.20 -19.39
N ARG A 194 -1.03 -34.14 -19.56
CA ARG A 194 -0.39 -33.34 -20.63
C ARG A 194 -0.65 -31.86 -20.41
N ILE A 195 -0.76 -31.48 -19.15
CA ILE A 195 -0.82 -30.04 -18.77
C ILE A 195 0.60 -29.53 -18.50
N VAL A 196 1.30 -30.20 -17.59
CA VAL A 196 2.69 -29.88 -17.32
C VAL A 196 3.57 -30.78 -18.18
N HIS A 197 4.51 -30.12 -18.86
CA HIS A 197 5.56 -30.76 -19.53
C HIS A 197 6.50 -31.48 -18.60
N ASP A 198 7.13 -30.78 -17.68
CA ASP A 198 7.96 -31.40 -16.65
C ASP A 198 8.13 -30.37 -15.53
N TYR A 199 8.87 -30.75 -14.49
CA TYR A 199 9.07 -29.80 -13.40
C TYR A 199 10.39 -30.17 -12.77
N LYS A 200 11.01 -29.19 -12.15
CA LYS A 200 12.35 -29.25 -11.61
C LYS A 200 12.46 -28.39 -10.38
N ASP A 201 13.35 -28.76 -9.48
CA ASP A 201 13.63 -27.86 -8.35
C ASP A 201 14.50 -26.73 -8.90
N ILE A 202 14.56 -25.65 -8.16
CA ILE A 202 15.24 -24.46 -8.63
C ILE A 202 16.72 -24.64 -8.92
N PHE A 203 17.38 -25.52 -8.18
CA PHE A 203 18.80 -25.81 -8.46
C PHE A 203 19.02 -26.57 -9.78
N LYS A 204 18.21 -27.59 -9.98
CA LYS A 204 18.33 -28.40 -11.17
C LYS A 204 17.95 -27.55 -12.37
N GLN A 205 17.00 -26.64 -12.18
CA GLN A 205 16.60 -25.79 -13.23
C GLN A 205 17.68 -24.85 -13.69
N ALA A 206 18.27 -24.18 -12.74
CA ALA A 206 19.31 -23.22 -13.04
C ALA A 206 20.50 -23.90 -13.76
N THR A 207 20.74 -25.14 -13.40
CA THR A 207 21.91 -25.92 -13.89
C THR A 207 21.60 -26.28 -15.34
N GLU A 208 20.41 -26.83 -15.59
CA GLU A 208 20.04 -27.19 -16.92
C GLU A 208 19.91 -25.95 -17.81
N ASP A 209 19.54 -24.80 -17.21
CA ASP A 209 19.45 -23.54 -17.95
C ASP A 209 20.78 -22.91 -18.26
N ARG A 210 21.80 -23.37 -17.55
CA ARG A 210 23.16 -22.82 -17.63
C ARG A 210 23.18 -21.38 -17.14
N LEU A 211 22.40 -21.12 -16.11
CA LEU A 211 22.41 -19.81 -15.47
C LEU A 211 23.73 -19.55 -14.72
N THR A 212 24.28 -18.37 -14.96
CA THR A 212 25.53 -17.95 -14.36
C THR A 212 25.43 -16.60 -13.66
N SER A 213 24.24 -15.98 -13.65
CA SER A 213 24.13 -14.63 -13.16
C SER A 213 22.78 -14.51 -12.52
N ALA A 214 22.78 -13.86 -11.38
CA ALA A 214 21.56 -13.73 -10.64
C ALA A 214 20.49 -12.92 -11.40
N LYS A 215 20.90 -12.09 -12.35
CA LYS A 215 19.97 -11.28 -13.14
C LYS A 215 19.06 -12.16 -13.97
N GLU A 216 19.42 -13.45 -14.11
CA GLU A 216 18.62 -14.40 -14.88
C GLU A 216 17.56 -15.14 -14.10
N LEU A 217 17.56 -15.04 -12.77
CA LEU A 217 16.52 -15.66 -11.94
C LEU A 217 15.25 -14.82 -11.93
N PRO A 218 14.08 -15.47 -12.10
CA PRO A 218 12.87 -14.65 -11.96
C PRO A 218 12.80 -13.94 -10.60
N TYR A 219 12.18 -12.76 -10.59
CA TYR A 219 12.24 -11.81 -9.49
C TYR A 219 10.82 -11.49 -9.07
N PHE A 220 10.32 -12.18 -8.03
CA PHE A 220 8.93 -12.05 -7.67
C PHE A 220 8.75 -11.31 -6.36
N GLU A 221 7.59 -10.65 -6.21
CA GLU A 221 7.29 -9.90 -4.99
C GLU A 221 7.15 -10.84 -3.80
N GLY A 222 7.92 -10.59 -2.74
CA GLY A 222 7.78 -11.38 -1.54
C GLY A 222 8.45 -12.73 -1.55
N ASP A 223 9.09 -13.11 -2.66
CA ASP A 223 9.74 -14.42 -2.76
C ASP A 223 11.04 -14.37 -1.92
N PHE A 224 11.51 -15.55 -1.52
CA PHE A 224 12.80 -15.77 -0.83
C PHE A 224 14.01 -15.19 -1.56
N TRP A 225 14.07 -15.41 -2.86
CA TRP A 225 15.26 -15.12 -3.62
C TRP A 225 15.69 -13.68 -3.70
N PRO A 226 14.74 -12.75 -3.90
CA PRO A 226 15.19 -11.37 -3.86
C PRO A 226 15.93 -10.97 -2.55
N ASN A 227 15.50 -11.53 -1.43
CA ASN A 227 16.16 -11.23 -0.13
C ASN A 227 17.51 -11.92 -0.08
N VAL A 228 17.58 -13.15 -0.54
CA VAL A 228 18.85 -13.81 -0.58
C VAL A 228 19.88 -13.02 -1.40
N LEU A 229 19.47 -12.55 -2.57
CA LEU A 229 20.31 -11.79 -3.46
C LEU A 229 20.86 -10.49 -2.82
N GLU A 230 20.04 -9.82 -2.02
CA GLU A 230 20.49 -8.61 -1.30
C GLU A 230 21.60 -8.90 -0.25
N GLU A 231 21.40 -9.92 0.57
CA GLU A 231 22.44 -10.37 1.52
C GLU A 231 23.72 -10.71 0.79
N SER A 232 23.63 -11.55 -0.24
CA SER A 232 24.81 -11.89 -1.02
C SER A 232 25.66 -10.66 -1.32
N ILE A 233 24.99 -9.54 -1.60
CA ILE A 233 25.70 -8.28 -1.86
C ILE A 233 25.95 -7.49 -0.57
N GLN A 242 27.72 -18.01 -7.12
CA GLN A 242 28.47 -19.19 -6.62
C GLN A 242 28.09 -19.64 -5.20
N LYS A 243 28.20 -18.70 -4.26
CA LYS A 243 27.56 -18.82 -2.96
C LYS A 243 26.03 -18.87 -3.08
N LEU A 244 25.53 -18.21 -4.14
CA LEU A 244 24.14 -18.27 -4.52
C LEU A 244 23.73 -19.68 -4.96
N TYR A 245 24.58 -20.33 -5.78
CA TYR A 245 24.36 -21.70 -6.24
C TYR A 245 24.32 -22.64 -5.05
N ALA A 246 25.18 -22.38 -4.05
CA ALA A 246 25.17 -23.16 -2.79
C ALA A 246 23.83 -23.03 -2.05
N THR A 247 23.30 -21.82 -1.98
CA THR A 247 22.07 -21.57 -1.28
C THR A 247 20.82 -22.12 -2.03
N MET A 248 20.85 -22.09 -3.37
CA MET A 248 19.88 -22.76 -4.23
C MET A 248 19.91 -24.27 -4.01
N GLU A 249 21.09 -24.88 -3.90
CA GLU A 249 21.16 -26.32 -3.61
C GLU A 249 20.51 -26.67 -2.28
N LYS A 250 20.83 -25.90 -1.27
CA LYS A 250 20.41 -26.16 0.07
C LYS A 250 18.91 -26.11 0.23
N HIS A 251 18.28 -25.18 -0.48
CA HIS A 251 16.84 -25.00 -0.31
C HIS A 251 16.04 -25.49 -1.51
N LYS A 252 16.64 -26.34 -2.34
CA LYS A 252 16.07 -26.67 -3.68
C LYS A 252 14.75 -27.38 -3.57
N GLU A 253 14.51 -28.07 -2.45
CA GLU A 253 13.33 -28.98 -2.34
C GLU A 253 12.02 -28.18 -2.25
N VAL A 254 12.13 -26.97 -1.71
CA VAL A 254 11.05 -26.07 -1.41
C VAL A 254 10.60 -25.34 -2.74
N PHE A 255 11.43 -25.31 -3.77
CA PHE A 255 11.13 -24.38 -4.92
C PHE A 255 10.96 -25.13 -6.20
N PHE A 256 9.70 -25.27 -6.61
CA PHE A 256 9.36 -25.96 -7.84
C PHE A 256 9.28 -25.03 -9.05
N VAL A 257 9.90 -25.39 -10.13
CA VAL A 257 9.79 -24.64 -11.36
C VAL A 257 9.08 -25.56 -12.34
N ILE A 258 7.95 -25.09 -12.87
CA ILE A 258 7.03 -25.99 -13.57
C ILE A 258 6.89 -25.54 -15.00
N ARG A 259 7.29 -26.39 -15.95
CA ARG A 259 7.27 -25.99 -17.33
C ARG A 259 5.95 -26.36 -17.97
N LEU A 260 5.18 -25.38 -18.43
CA LEU A 260 3.87 -25.62 -19.10
C LEU A 260 3.96 -25.76 -20.60
N ILE A 261 4.86 -24.99 -21.22
CA ILE A 261 5.01 -24.89 -22.66
C ILE A 261 6.52 -24.91 -22.87
N ALA A 262 6.99 -25.86 -23.66
CA ALA A 262 8.43 -26.07 -23.84
C ALA A 262 8.84 -25.96 -25.30
N GLY A 263 10.11 -25.62 -25.49
CA GLY A 263 10.75 -25.75 -26.79
C GLY A 263 10.31 -24.67 -27.75
N PRO A 264 10.22 -25.01 -29.05
CA PRO A 264 9.88 -24.00 -30.08
C PRO A 264 8.49 -23.36 -29.89
N ALA A 265 7.48 -24.15 -29.49
CA ALA A 265 6.11 -23.65 -29.30
C ALA A 265 6.00 -22.62 -28.17
N ALA A 266 7.10 -22.41 -27.42
CA ALA A 266 7.15 -21.40 -26.37
C ALA A 266 7.58 -20.02 -26.88
N ASN A 267 8.25 -19.96 -28.03
CA ASN A 267 8.76 -18.69 -28.57
C ASN A 267 7.97 -18.12 -29.73
N SER A 268 6.93 -18.80 -30.18
CA SER A 268 6.18 -18.27 -31.30
C SER A 268 4.82 -17.77 -30.82
N LEU A 269 4.68 -17.52 -29.52
CA LEU A 269 3.37 -17.29 -28.97
C LEU A 269 2.89 -15.89 -29.26
N PRO A 270 1.59 -15.74 -29.53
CA PRO A 270 1.00 -14.40 -29.60
C PRO A 270 0.89 -13.78 -28.22
N PRO A 271 0.54 -12.50 -28.16
CA PRO A 271 0.40 -11.91 -26.83
C PRO A 271 -0.66 -12.58 -25.98
N ILE A 272 -0.41 -12.61 -24.69
CA ILE A 272 -1.38 -13.14 -23.71
C ILE A 272 -2.52 -12.12 -23.60
N VAL A 273 -3.75 -12.62 -23.77
CA VAL A 273 -4.97 -11.82 -23.59
C VAL A 273 -5.80 -12.45 -22.47
N ASP A 274 -5.88 -11.71 -21.37
CA ASP A 274 -6.67 -12.17 -20.22
C ASP A 274 -8.08 -11.58 -20.42
N PRO A 275 -9.10 -12.41 -20.67
CA PRO A 275 -10.42 -11.86 -20.90
C PRO A 275 -11.10 -11.24 -19.62
N ASP A 276 -10.56 -11.51 -18.45
CA ASP A 276 -11.19 -11.05 -17.20
C ASP A 276 -10.77 -9.66 -16.83
N PRO A 277 -11.71 -8.83 -16.36
CA PRO A 277 -11.38 -7.44 -16.00
C PRO A 277 -10.67 -7.34 -14.65
N LEU A 278 -10.13 -6.19 -14.40
CA LEU A 278 -9.66 -5.89 -13.06
C LEU A 278 -10.82 -5.91 -12.11
N ILE A 279 -10.53 -6.30 -10.89
CA ILE A 279 -11.49 -6.40 -9.76
C ILE A 279 -10.95 -5.74 -8.53
N PRO A 280 -11.28 -4.45 -8.35
CA PRO A 280 -10.81 -3.76 -7.16
C PRO A 280 -11.51 -4.37 -5.95
N CYS A 281 -10.76 -4.61 -4.91
CA CYS A 281 -11.30 -5.15 -3.65
C CYS A 281 -10.18 -5.00 -2.69
N ASP A 282 -10.15 -3.88 -1.97
CA ASP A 282 -9.01 -3.64 -1.07
C ASP A 282 -8.88 -4.72 0.01
N LEU A 283 -10.00 -5.31 0.43
CA LEU A 283 -9.99 -6.39 1.42
C LEU A 283 -9.13 -7.56 0.98
N MET A 284 -9.02 -7.81 -0.35
CA MET A 284 -8.35 -8.98 -0.87
C MET A 284 -7.12 -8.68 -1.69
N ASP A 285 -6.57 -7.48 -1.45
CA ASP A 285 -5.32 -7.08 -2.13
C ASP A 285 -4.14 -7.59 -1.28
N GLY A 286 -3.66 -8.76 -1.65
CA GLY A 286 -2.81 -9.56 -0.78
C GLY A 286 -3.52 -10.11 0.46
N ARG A 287 -2.80 -10.91 1.23
CA ARG A 287 -3.48 -11.68 2.33
C ARG A 287 -3.64 -10.91 3.60
N ASP A 288 -2.92 -9.79 3.77
CA ASP A 288 -2.87 -9.13 5.08
C ASP A 288 -4.24 -8.56 5.48
N ALA A 289 -5.00 -7.99 4.53
CA ALA A 289 -6.19 -7.25 4.93
C ALA A 289 -7.32 -8.14 5.44
N PHE A 290 -7.45 -9.32 4.89
CA PHE A 290 -8.44 -10.26 5.36
C PHE A 290 -8.06 -10.88 6.72
N LEU A 291 -6.78 -11.18 6.95
CA LEU A 291 -6.33 -11.57 8.23
C LEU A 291 -6.56 -10.48 9.25
N THR A 292 -6.34 -9.22 8.91
CA THR A 292 -6.58 -8.10 9.81
C THR A 292 -8.06 -7.98 10.14
N LEU A 293 -8.90 -8.06 9.11
CA LEU A 293 -10.35 -8.04 9.32
C LEU A 293 -10.81 -9.22 10.22
N ALA A 294 -10.31 -10.42 9.92
CA ALA A 294 -10.73 -11.60 10.68
C ALA A 294 -10.22 -11.52 12.11
N ARG A 295 -9.03 -10.97 12.31
CA ARG A 295 -8.51 -10.84 13.68
C ARG A 295 -9.30 -9.83 14.49
N ASP A 296 -9.68 -8.72 13.85
CA ASP A 296 -10.42 -7.66 14.54
C ASP A 296 -11.89 -7.98 14.79
N LYS A 297 -12.54 -8.68 13.87
CA LYS A 297 -13.93 -9.06 13.99
C LYS A 297 -14.14 -10.50 14.45
N HIS A 298 -13.06 -11.22 14.73
CA HIS A 298 -13.08 -12.57 15.26
C HIS A 298 -13.79 -13.52 14.32
N LEU A 299 -13.38 -13.48 13.06
CA LEU A 299 -13.85 -14.44 12.07
C LEU A 299 -12.87 -15.60 12.04
N GLU A 300 -13.10 -16.55 12.94
CA GLU A 300 -12.29 -17.76 13.07
C GLU A 300 -12.74 -18.91 12.21
N PHE A 301 -11.78 -19.79 11.86
CA PHE A 301 -12.09 -20.93 11.02
C PHE A 301 -11.83 -22.24 11.71
N SER A 302 -12.11 -22.29 13.01
CA SER A 302 -11.62 -23.43 13.84
C SER A 302 -12.49 -24.61 14.03
N SER A 303 -13.77 -24.48 13.65
CA SER A 303 -14.73 -25.57 13.71
C SER A 303 -15.61 -25.38 12.47
N LEU A 304 -16.43 -26.37 12.12
CA LEU A 304 -17.31 -26.25 10.95
C LEU A 304 -18.24 -25.06 11.13
N ARG A 305 -18.86 -24.98 12.32
CA ARG A 305 -19.79 -23.92 12.66
C ARG A 305 -19.17 -22.55 12.58
N ARG A 306 -18.01 -22.37 13.21
CA ARG A 306 -17.40 -21.01 13.13
C ARG A 306 -16.99 -20.65 11.72
N ALA A 307 -16.44 -21.62 10.99
CA ALA A 307 -16.09 -21.36 9.63
C ALA A 307 -17.24 -20.98 8.74
N GLN A 308 -18.39 -21.61 8.95
CA GLN A 308 -19.60 -21.22 8.20
C GLN A 308 -20.01 -19.79 8.53
N TRP A 309 -19.98 -19.43 9.82
CA TRP A 309 -20.28 -18.10 10.20
C TRP A 309 -19.28 -17.09 9.66
N SER A 310 -18.01 -17.43 9.74
CA SER A 310 -16.99 -16.58 9.17
C SER A 310 -17.08 -16.44 7.68
N THR A 311 -17.46 -17.52 7.01
CA THR A 311 -17.68 -17.50 5.59
C THR A 311 -18.78 -16.54 5.28
N MET A 312 -19.82 -16.59 6.08
CA MET A 312 -20.98 -15.76 5.79
C MET A 312 -20.60 -14.31 5.94
N CYS A 313 -19.86 -14.00 7.01
CA CYS A 313 -19.34 -12.62 7.19
C CYS A 313 -18.41 -12.14 6.13
N MET A 314 -17.46 -13.01 5.72
CA MET A 314 -16.57 -12.72 4.64
C MET A 314 -17.37 -12.39 3.38
N LEU A 315 -18.37 -13.21 3.08
CA LEU A 315 -19.22 -12.97 1.88
C LEU A 315 -19.97 -11.64 1.88
N VAL A 316 -20.50 -11.30 3.06
CA VAL A 316 -21.16 -10.03 3.24
C VAL A 316 -20.22 -8.88 3.00
N GLU A 317 -19.01 -8.98 3.52
CA GLU A 317 -18.03 -8.00 3.20
C GLU A 317 -17.71 -7.87 1.76
N LEU A 318 -17.55 -9.01 1.07
CA LEU A 318 -17.22 -9.00 -0.33
C LEU A 318 -18.34 -8.41 -1.17
N HIS A 319 -19.57 -8.72 -0.83
CA HIS A 319 -20.72 -8.20 -1.54
C HIS A 319 -20.96 -6.73 -1.25
N THR A 320 -20.57 -6.24 -0.06
CA THR A 320 -20.95 -4.89 0.36
C THR A 320 -19.79 -3.91 0.47
N GLN A 321 -18.63 -4.33 0.01
CA GLN A 321 -17.39 -3.52 -0.04
C GLN A 321 -17.70 -2.09 -0.46
N SER A 322 -17.22 -1.13 0.32
CA SER A 322 -17.00 0.22 -0.20
C SER A 322 -15.60 0.18 -0.88
N SER B 2 -11.34 43.93 -1.80
CA SER B 2 -11.79 44.16 -0.40
C SER B 2 -10.59 44.33 0.49
N LYS B 3 -10.73 45.17 1.53
CA LYS B 3 -9.75 45.31 2.57
C LYS B 3 -9.56 44.02 3.39
N PHE B 4 -10.51 43.11 3.32
CA PHE B 4 -10.36 41.84 4.08
C PHE B 4 -10.08 40.67 3.18
N SER B 5 -9.58 40.92 1.98
CA SER B 5 -9.42 39.81 1.03
C SER B 5 -8.32 38.86 1.49
N ALA B 6 -8.29 37.64 0.93
CA ALA B 6 -7.14 36.74 1.13
C ALA B 6 -5.85 37.34 0.60
N LYS B 7 -5.94 38.03 -0.53
CA LYS B 7 -4.75 38.63 -1.12
C LYS B 7 -4.09 39.63 -0.20
N ARG B 8 -4.89 40.37 0.59
CA ARG B 8 -4.36 41.37 1.53
C ARG B 8 -3.79 40.80 2.84
N LEU B 9 -3.91 39.50 3.08
CA LEU B 9 -3.19 38.88 4.21
C LEU B 9 -1.70 39.05 3.93
N PRO B 10 -0.91 39.27 4.97
CA PRO B 10 0.52 39.44 4.82
C PRO B 10 1.18 38.32 4.06
N SER B 11 2.06 38.70 3.13
N SER B 11 2.07 38.68 3.17
CA SER B 11 2.76 37.73 2.32
CA SER B 11 2.75 37.69 2.37
C SER B 11 3.93 37.14 3.07
C SER B 11 3.92 37.11 3.12
N THR B 12 4.37 35.99 2.57
CA THR B 12 5.55 35.29 3.05
C THR B 12 6.29 34.76 1.84
N ARG B 13 7.57 34.45 2.00
CA ARG B 13 8.29 33.82 0.90
C ARG B 13 7.65 32.45 0.54
N LEU B 14 7.24 31.72 1.54
CA LEU B 14 6.63 30.38 1.32
C LEU B 14 5.31 30.52 0.59
N GLY B 15 4.46 31.40 1.08
CA GLY B 15 3.21 31.64 0.40
C GLY B 15 3.35 32.09 -1.05
N THR B 16 4.23 33.04 -1.29
CA THR B 16 4.51 33.52 -2.61
C THR B 16 4.98 32.37 -3.52
N PHE B 17 5.92 31.59 -3.03
CA PHE B 17 6.44 30.47 -3.80
C PHE B 17 5.34 29.52 -4.24
N LEU B 18 4.48 29.18 -3.31
CA LEU B 18 3.44 28.22 -3.59
C LEU B 18 2.40 28.80 -4.53
N GLU B 19 1.97 30.05 -4.27
CA GLU B 19 0.98 30.58 -5.19
C GLU B 19 1.51 30.78 -6.58
N ASN B 20 2.74 31.22 -6.72
CA ASN B 20 3.32 31.38 -8.03
C ASN B 20 3.35 30.06 -8.81
N ARG B 21 3.68 28.98 -8.12
CA ARG B 21 3.68 27.69 -8.80
C ARG B 21 2.26 27.33 -9.28
N VAL B 22 1.27 27.49 -8.43
CA VAL B 22 -0.11 27.15 -8.78
C VAL B 22 -0.57 28.03 -9.93
N ASN B 23 -0.31 29.33 -9.82
CA ASN B 23 -0.81 30.23 -10.88
C ASN B 23 -0.11 30.02 -12.21
N ASP B 24 1.15 29.66 -12.16
CA ASP B 24 1.87 29.26 -13.37
C ASP B 24 1.23 28.03 -14.04
N PHE B 25 0.93 27.00 -13.25
CA PHE B 25 0.20 25.83 -13.73
C PHE B 25 -1.12 26.25 -14.33
N LEU B 26 -1.90 27.07 -13.61
CA LEU B 26 -3.16 27.52 -14.17
C LEU B 26 -3.01 28.32 -15.49
N ARG B 27 -2.01 29.16 -15.57
CA ARG B 27 -1.75 29.94 -16.80
C ARG B 27 -1.58 28.99 -17.96
N ARG B 28 -0.74 27.99 -17.74
CA ARG B 28 -0.48 27.00 -18.78
C ARG B 28 -1.70 26.17 -19.16
N GLN B 29 -2.58 25.88 -18.21
CA GLN B 29 -3.78 25.17 -18.53
C GLN B 29 -4.74 26.02 -19.34
N ASN B 30 -4.73 27.32 -19.13
CA ASN B 30 -5.58 28.23 -19.92
C ASN B 30 -7.07 27.86 -19.96
N HIS B 31 -7.61 27.50 -18.82
CA HIS B 31 -9.02 27.14 -18.72
C HIS B 31 -9.78 28.42 -18.38
N PRO B 32 -10.89 28.70 -19.08
CA PRO B 32 -11.60 29.97 -18.85
C PRO B 32 -12.30 30.06 -17.51
N GLU B 33 -12.52 28.95 -16.84
CA GLU B 33 -13.18 28.97 -15.51
C GLU B 33 -12.25 29.15 -14.30
N SER B 34 -10.95 29.01 -14.48
CA SER B 34 -10.11 29.13 -13.28
C SER B 34 -10.00 30.59 -12.78
N GLY B 35 -9.76 30.75 -11.46
CA GLY B 35 -9.47 32.07 -10.93
C GLY B 35 -8.12 32.13 -10.24
N GLU B 36 -7.68 33.31 -9.88
CA GLU B 36 -6.41 33.45 -9.23
C GLU B 36 -6.37 32.75 -7.91
N VAL B 37 -5.25 32.03 -7.66
CA VAL B 37 -5.05 31.40 -6.39
C VAL B 37 -4.13 32.24 -5.53
N THR B 38 -4.46 32.30 -4.24
N THR B 38 -4.51 32.39 -4.24
CA THR B 38 -3.67 33.04 -3.24
CA THR B 38 -3.55 32.91 -3.27
C THR B 38 -3.31 32.02 -2.17
C THR B 38 -3.26 31.86 -2.26
N VAL B 39 -2.04 31.90 -1.79
CA VAL B 39 -1.62 31.01 -0.73
C VAL B 39 -1.01 31.87 0.39
N ARG B 40 -1.53 31.70 1.58
CA ARG B 40 -1.11 32.44 2.75
C ARG B 40 -0.75 31.58 3.95
N VAL B 41 0.42 31.91 4.55
CA VAL B 41 0.83 31.34 5.82
C VAL B 41 0.17 32.18 6.90
N VAL B 42 -0.70 31.59 7.72
CA VAL B 42 -1.44 32.40 8.73
C VAL B 42 -1.06 32.11 10.19
N HIS B 43 -0.09 31.20 10.40
CA HIS B 43 0.44 30.93 11.73
C HIS B 43 1.84 30.40 11.56
N ALA B 44 2.75 30.84 12.41
CA ALA B 44 4.07 30.17 12.48
C ALA B 44 4.57 30.36 13.90
N SER B 45 4.88 29.28 14.56
CA SER B 45 5.32 29.38 15.93
C SER B 45 6.32 28.27 16.25
N ASP B 46 7.11 28.55 17.30
CA ASP B 46 8.08 27.52 17.80
C ASP B 46 7.55 26.64 18.92
N LYS B 47 7.74 25.36 18.75
CA LYS B 47 7.29 24.33 19.66
C LYS B 47 8.43 23.35 19.99
N THR B 48 8.21 22.47 20.97
CA THR B 48 9.08 21.31 21.21
C THR B 48 8.21 20.10 21.35
N VAL B 49 8.68 18.97 20.85
CA VAL B 49 8.09 17.71 21.15
C VAL B 49 8.98 17.02 22.14
N GLU B 50 8.37 16.59 23.27
CA GLU B 50 9.05 15.83 24.30
C GLU B 50 8.91 14.37 24.10
N VAL B 51 10.00 13.62 24.27
CA VAL B 51 9.97 12.19 24.19
C VAL B 51 9.18 11.59 25.39
N LYS B 52 8.32 10.65 25.05
CA LYS B 52 7.43 10.07 26.04
C LYS B 52 8.14 9.13 27.04
N PRO B 53 7.46 8.80 28.18
CA PRO B 53 8.21 8.24 29.27
C PRO B 53 8.94 6.94 29.06
N GLY B 54 8.40 5.99 28.34
CA GLY B 54 9.09 4.74 28.10
C GLY B 54 10.37 4.86 27.29
N MET B 55 10.25 5.66 26.24
CA MET B 55 11.41 5.95 25.41
C MET B 55 12.40 6.83 26.15
N LYS B 56 11.91 7.80 26.89
CA LYS B 56 12.76 8.63 27.75
C LYS B 56 13.50 7.75 28.72
N ALA B 57 12.78 6.90 29.46
CA ALA B 57 13.48 5.96 30.33
C ALA B 57 14.54 5.13 29.61
N ARG B 58 14.19 4.57 28.47
CA ARG B 58 15.09 3.68 27.75
C ARG B 58 16.25 4.41 27.10
N PHE B 59 16.01 5.55 26.46
CA PHE B 59 17.05 6.18 25.63
C PHE B 59 17.56 7.56 26.05
N VAL B 60 16.71 8.33 26.70
CA VAL B 60 17.01 9.73 27.04
C VAL B 60 17.79 9.75 28.32
N ASP B 61 17.30 9.05 29.34
CA ASP B 61 18.04 9.02 30.61
C ASP B 61 19.44 8.41 30.48
N SER B 62 19.67 7.54 29.50
CA SER B 62 21.00 6.99 29.31
C SER B 62 21.87 7.88 28.42
N GLY B 63 21.35 9.03 28.00
CA GLY B 63 22.12 9.93 27.17
C GLY B 63 22.19 9.56 25.70
N GLU B 64 21.32 8.65 25.23
CA GLU B 64 21.42 8.17 23.86
C GLU B 64 20.58 8.97 22.87
N MET B 65 19.64 9.73 23.39
CA MET B 65 18.63 10.41 22.59
C MET B 65 18.28 11.69 23.33
N ALA B 66 18.08 12.75 22.58
CA ALA B 66 17.68 14.02 23.14
C ALA B 66 16.32 13.90 23.82
N GLU B 67 16.10 14.73 24.83
CA GLU B 67 14.85 14.66 25.59
C GLU B 67 13.68 15.28 24.84
N SER B 68 13.97 16.21 23.94
CA SER B 68 12.95 16.91 23.20
C SER B 68 13.55 17.46 21.93
N PHE B 69 12.68 17.81 20.99
CA PHE B 69 13.11 18.31 19.68
C PHE B 69 12.38 19.58 19.37
N PRO B 70 13.10 20.61 18.96
CA PRO B 70 12.49 21.88 18.57
C PRO B 70 11.97 21.87 17.18
N TYR B 71 10.82 22.49 16.93
CA TYR B 71 10.33 22.65 15.57
C TYR B 71 9.52 23.87 15.44
N ARG B 72 9.29 24.27 14.19
CA ARG B 72 8.36 25.38 13.93
C ARG B 72 7.11 24.77 13.30
N THR B 73 5.95 25.21 13.74
CA THR B 73 4.72 24.78 13.12
C THR B 73 4.26 25.90 12.24
N LYS B 74 3.72 25.56 11.09
CA LYS B 74 3.05 26.51 10.21
C LYS B 74 1.69 26.03 9.80
N ALA B 75 0.78 26.98 9.63
CA ALA B 75 -0.54 26.73 9.03
C ALA B 75 -0.64 27.55 7.77
N LEU B 76 -1.03 26.89 6.70
CA LEU B 76 -1.21 27.61 5.45
C LEU B 76 -2.48 27.20 4.71
N PHE B 77 -3.04 28.16 3.98
CA PHE B 77 -4.29 28.03 3.28
C PHE B 77 -4.16 28.54 1.87
N ALA B 78 -4.89 27.86 0.97
CA ALA B 78 -5.05 28.34 -0.37
C ALA B 78 -6.50 28.74 -0.65
N PHE B 79 -6.63 29.83 -1.39
CA PHE B 79 -7.89 30.48 -1.70
C PHE B 79 -7.94 30.66 -3.22
N GLU B 80 -9.14 30.55 -3.75
CA GLU B 80 -9.38 30.82 -5.16
C GLU B 80 -10.45 31.92 -5.26
N GLU B 81 -10.20 32.88 -6.12
CA GLU B 81 -11.11 33.99 -6.27
C GLU B 81 -11.94 33.66 -7.45
N ILE B 82 -13.24 33.61 -7.26
CA ILE B 82 -14.12 33.55 -8.43
C ILE B 82 -15.28 34.56 -8.35
N ASP B 83 -15.49 35.30 -9.44
CA ASP B 83 -16.52 36.33 -9.48
C ASP B 83 -16.27 37.29 -8.37
N GLY B 84 -15.00 37.55 -8.07
CA GLY B 84 -14.62 38.54 -7.07
C GLY B 84 -14.83 38.12 -5.62
N VAL B 85 -15.13 36.84 -5.36
CA VAL B 85 -15.41 36.34 -4.02
C VAL B 85 -14.30 35.28 -3.68
N ASP B 86 -13.75 35.40 -2.50
CA ASP B 86 -12.69 34.42 -2.08
C ASP B 86 -13.31 33.09 -1.56
N LEU B 87 -12.66 31.97 -1.92
CA LEU B 87 -13.05 30.64 -1.42
C LEU B 87 -11.80 30.02 -0.83
N CYS B 88 -11.82 29.78 0.47
CA CYS B 88 -10.74 28.97 1.10
C CYS B 88 -11.00 27.53 0.81
N PHE B 89 -10.12 26.84 0.04
CA PHE B 89 -10.42 25.43 -0.43
C PHE B 89 -9.45 24.36 0.06
N PHE B 90 -8.30 24.79 0.59
CA PHE B 90 -7.29 23.87 1.02
C PHE B 90 -6.57 24.44 2.19
N GLY B 91 -6.20 23.58 3.12
CA GLY B 91 -5.44 23.97 4.32
C GLY B 91 -4.42 22.89 4.71
N MET B 92 -3.30 23.27 5.31
CA MET B 92 -2.35 22.37 5.81
C MET B 92 -1.60 22.87 7.04
N HIS B 93 -1.31 22.00 8.00
CA HIS B 93 -0.45 22.30 9.07
C HIS B 93 0.80 21.39 9.00
N VAL B 94 1.97 22.04 9.14
CA VAL B 94 3.27 21.33 9.03
C VAL B 94 4.14 21.53 10.26
N GLN B 95 5.06 20.60 10.47
CA GLN B 95 6.09 20.67 11.51
C GLN B 95 7.43 20.65 10.81
N GLU B 96 8.25 21.62 11.13
CA GLU B 96 9.53 21.76 10.45
C GLU B 96 10.66 21.75 11.43
N TYR B 97 11.52 20.75 11.29
CA TYR B 97 12.67 20.50 12.22
C TYR B 97 13.97 20.91 11.52
N GLY B 98 14.51 22.05 11.92
CA GLY B 98 15.63 22.76 11.27
C GLY B 98 16.98 22.12 11.47
N SER B 99 18.02 22.82 11.05
CA SER B 99 19.38 22.35 11.25
C SER B 99 19.83 22.55 12.71
N ASP B 100 19.08 23.31 13.51
CA ASP B 100 19.32 23.45 14.95
C ASP B 100 18.75 22.35 15.82
N CYS B 101 18.21 21.34 15.21
CA CYS B 101 17.54 20.30 15.91
C CYS B 101 18.48 19.12 16.09
N PRO B 102 18.48 18.49 17.27
CA PRO B 102 19.32 17.29 17.33
C PRO B 102 18.83 16.12 16.44
N PRO B 103 19.75 15.24 16.08
CA PRO B 103 19.29 14.00 15.47
C PRO B 103 18.38 13.22 16.42
N PRO B 104 17.51 12.37 15.91
CA PRO B 104 17.31 11.99 14.51
C PRO B 104 16.39 12.92 13.68
N ASN B 105 15.98 14.06 14.24
CA ASN B 105 14.98 14.86 13.61
C ASN B 105 15.47 15.97 12.68
N GLN B 106 16.75 16.15 12.54
CA GLN B 106 17.29 17.27 11.87
C GLN B 106 16.91 17.30 10.41
N ARG B 107 16.55 18.51 9.91
CA ARG B 107 16.29 18.76 8.50
C ARG B 107 15.10 17.99 7.92
N ARG B 108 14.04 17.83 8.73
CA ARG B 108 12.86 17.06 8.30
C ARG B 108 11.60 17.90 8.40
N VAL B 109 10.68 17.68 7.46
CA VAL B 109 9.31 18.26 7.62
C VAL B 109 8.31 17.13 7.67
N TYR B 110 7.23 17.37 8.41
CA TYR B 110 6.15 16.42 8.60
C TYR B 110 4.84 17.12 8.43
N ILE B 111 3.97 16.55 7.60
CA ILE B 111 2.63 17.13 7.44
C ILE B 111 1.71 16.66 8.54
N SER B 112 1.36 17.56 9.46
CA SER B 112 0.48 17.22 10.56
C SER B 112 -0.93 16.85 10.12
N TYR B 113 -1.50 17.72 9.31
CA TYR B 113 -2.87 17.57 8.79
C TYR B 113 -3.02 18.33 7.50
N LEU B 114 -3.84 17.81 6.59
CA LEU B 114 -4.24 18.62 5.40
C LEU B 114 -5.68 18.32 5.16
N ASP B 115 -6.39 19.25 4.56
CA ASP B 115 -7.83 19.09 4.37
C ASP B 115 -8.25 20.01 3.17
N SER B 116 -9.43 19.77 2.64
CA SER B 116 -9.93 20.51 1.51
C SER B 116 -11.45 20.42 1.50
N VAL B 117 -12.04 21.37 0.78
CA VAL B 117 -13.47 21.35 0.46
C VAL B 117 -13.61 21.61 -1.05
N HIS B 118 -14.32 20.72 -1.73
CA HIS B 118 -14.18 20.46 -3.15
C HIS B 118 -14.79 21.45 -4.13
N PHE B 119 -14.78 22.75 -3.82
CA PHE B 119 -15.43 23.78 -4.66
C PHE B 119 -14.52 24.47 -5.68
N PHE B 120 -13.27 24.04 -5.80
CA PHE B 120 -12.37 24.61 -6.75
C PHE B 120 -12.98 24.56 -8.13
N ARG B 121 -12.86 25.67 -8.83
CA ARG B 121 -13.32 25.77 -10.22
C ARG B 121 -12.13 25.96 -11.18
N PRO B 122 -12.11 25.20 -12.29
CA PRO B 122 -12.99 24.16 -12.70
C PRO B 122 -12.70 22.86 -11.95
N LYS B 123 -13.70 22.03 -11.73
CA LYS B 123 -13.47 20.81 -11.03
C LYS B 123 -12.40 19.88 -11.64
N CYS B 124 -12.17 19.96 -12.94
CA CYS B 124 -11.22 19.07 -13.62
C CYS B 124 -9.78 19.41 -13.32
N LEU B 125 -9.52 20.53 -12.63
CA LEU B 125 -8.16 20.97 -12.20
C LEU B 125 -7.98 20.89 -10.71
N ARG B 126 -9.01 20.46 -9.95
CA ARG B 126 -8.90 20.51 -8.50
C ARG B 126 -7.76 19.62 -7.96
N THR B 127 -7.79 18.34 -8.28
CA THR B 127 -6.77 17.45 -7.81
C THR B 127 -5.36 17.93 -8.27
N ALA B 128 -5.23 18.33 -9.53
CA ALA B 128 -3.95 18.85 -10.04
C ALA B 128 -3.41 19.99 -9.21
N VAL B 129 -4.30 20.90 -8.84
CA VAL B 129 -3.96 22.03 -7.99
C VAL B 129 -3.48 21.64 -6.59
N TYR B 130 -4.18 20.67 -5.96
CA TYR B 130 -3.79 20.15 -4.67
C TYR B 130 -2.33 19.60 -4.81
N HIS B 131 -2.07 18.84 -5.86
CA HIS B 131 -0.74 18.32 -6.07
C HIS B 131 0.29 19.38 -6.29
N GLU B 132 -0.04 20.42 -7.06
CA GLU B 132 0.88 21.52 -7.22
C GLU B 132 1.25 22.23 -5.92
N ILE B 133 0.29 22.36 -5.02
CA ILE B 133 0.57 22.94 -3.70
C ILE B 133 1.62 22.09 -2.92
N LEU B 134 1.38 20.80 -2.85
CA LEU B 134 2.23 19.88 -2.16
C LEU B 134 3.63 19.77 -2.79
N ILE B 135 3.67 19.67 -4.12
CA ILE B 135 5.00 19.64 -4.84
C ILE B 135 5.75 20.91 -4.55
N GLY B 136 5.01 22.03 -4.62
CA GLY B 136 5.65 23.29 -4.29
C GLY B 136 6.22 23.41 -2.90
N TYR B 137 5.48 22.88 -1.91
CA TYR B 137 5.91 22.85 -0.54
C TYR B 137 7.22 22.04 -0.45
N LEU B 138 7.19 20.85 -1.00
CA LEU B 138 8.39 20.05 -0.96
C LEU B 138 9.57 20.74 -1.68
N GLU B 139 9.32 21.34 -2.81
CA GLU B 139 10.36 22.11 -3.54
C GLU B 139 10.96 23.23 -2.73
N TYR B 140 10.09 23.95 -2.00
CA TYR B 140 10.46 25.10 -1.25
C TYR B 140 11.32 24.67 -0.09
N VAL B 141 10.86 23.69 0.67
CA VAL B 141 11.65 23.25 1.85
C VAL B 141 13.00 22.56 1.42
N LYS B 142 13.00 21.86 0.31
CA LYS B 142 14.23 21.37 -0.27
C LYS B 142 15.18 22.54 -0.53
N LYS B 143 14.70 23.60 -1.09
CA LYS B 143 15.55 24.75 -1.40
C LYS B 143 16.12 25.41 -0.13
N LEU B 144 15.37 25.38 0.96
CA LEU B 144 15.90 25.84 2.24
C LEU B 144 16.94 24.91 2.81
N GLY B 145 16.94 23.64 2.40
CA GLY B 145 17.86 22.65 2.95
C GLY B 145 17.26 21.58 3.83
N TYR B 146 15.95 21.41 3.84
CA TYR B 146 15.39 20.26 4.48
C TYR B 146 15.63 19.04 3.54
N THR B 147 16.07 17.92 4.11
CA THR B 147 16.34 16.71 3.36
C THR B 147 15.28 15.72 3.15
N THR B 148 14.28 15.71 4.03
CA THR B 148 13.39 14.60 4.11
C THR B 148 12.03 15.10 4.53
N GLY B 149 11.02 14.60 3.83
CA GLY B 149 9.64 14.83 4.15
C GLY B 149 8.91 13.56 4.58
N HIS B 150 7.94 13.75 5.47
CA HIS B 150 7.23 12.63 6.06
C HIS B 150 5.74 12.93 5.97
N ILE B 151 5.01 11.97 5.38
CA ILE B 151 3.60 12.10 5.16
C ILE B 151 2.92 10.85 5.73
N TRP B 152 1.87 11.05 6.60
CA TRP B 152 1.09 9.90 7.16
C TRP B 152 -0.27 10.02 6.45
N ALA B 153 -0.60 9.08 5.60
CA ALA B 153 -1.78 9.11 4.77
C ALA B 153 -2.95 8.45 5.42
N CYS B 154 -3.62 9.19 6.29
CA CYS B 154 -4.67 8.63 7.12
C CYS B 154 -5.94 9.42 6.87
N PRO B 155 -6.93 8.82 6.22
CA PRO B 155 -8.13 9.64 6.00
C PRO B 155 -8.86 9.92 7.33
N PRO B 156 -9.64 10.99 7.39
CA PRO B 156 -10.36 11.20 8.66
C PRO B 156 -11.44 10.12 8.87
N SER B 157 -11.70 9.84 10.13
CA SER B 157 -12.82 8.94 10.47
C SER B 157 -14.17 9.65 10.36
N GLU B 158 -15.24 8.89 10.13
CA GLU B 158 -16.56 9.52 9.97
C GLU B 158 -16.86 10.43 11.18
N GLY B 159 -17.39 11.61 10.88
CA GLY B 159 -17.69 12.60 11.90
C GLY B 159 -16.56 13.55 12.23
N ASP B 160 -15.38 13.37 11.63
CA ASP B 160 -14.21 14.07 12.07
C ASP B 160 -13.85 14.97 10.91
N ASP B 161 -13.62 16.23 11.16
CA ASP B 161 -13.11 17.08 10.09
C ASP B 161 -11.71 17.48 10.48
N TYR B 162 -10.70 17.36 9.59
CA TYR B 162 -9.36 17.72 9.94
C TYR B 162 -9.19 19.23 10.20
N ILE B 163 -9.65 20.05 9.28
CA ILE B 163 -9.42 21.47 9.38
C ILE B 163 -10.74 22.24 9.22
N PHE B 164 -11.48 21.88 8.18
CA PHE B 164 -12.71 22.61 7.83
C PHE B 164 -13.95 21.96 8.41
N HIS B 165 -14.66 22.71 9.25
CA HIS B 165 -15.90 22.22 9.90
C HIS B 165 -17.07 22.05 8.94
N CYS B 166 -17.60 20.82 8.92
N CYS B 166 -17.68 20.85 8.97
CA CYS B 166 -18.79 20.47 8.15
CA CYS B 166 -18.81 20.52 8.10
C CYS B 166 -18.62 20.55 6.65
C CYS B 166 -18.50 20.60 6.64
N HIS B 167 -18.02 19.47 6.12
CA HIS B 167 -17.71 19.31 4.72
C HIS B 167 -19.01 19.10 3.92
N PRO B 168 -18.95 19.22 2.59
CA PRO B 168 -20.14 18.94 1.81
C PRO B 168 -20.55 17.47 1.98
N PRO B 169 -21.85 17.22 2.11
CA PRO B 169 -22.33 15.83 2.24
C PRO B 169 -21.99 14.99 1.04
N ASP B 170 -21.78 15.60 -0.12
CA ASP B 170 -21.40 14.86 -1.32
C ASP B 170 -19.94 14.88 -1.65
N GLN B 171 -19.11 15.32 -0.71
CA GLN B 171 -17.66 15.22 -0.92
C GLN B 171 -17.23 13.87 -0.30
N LYS B 172 -16.87 12.92 -1.13
CA LYS B 172 -16.61 11.58 -0.66
C LYS B 172 -15.25 11.65 0.04
N ILE B 173 -15.04 10.75 1.01
CA ILE B 173 -13.78 10.70 1.74
C ILE B 173 -13.06 9.44 1.20
N PRO B 174 -11.81 9.60 0.76
CA PRO B 174 -11.11 8.49 0.18
C PRO B 174 -10.81 7.41 1.21
N LYS B 175 -10.90 6.15 0.80
CA LYS B 175 -10.42 5.03 1.61
C LYS B 175 -8.90 5.08 1.65
N PRO B 176 -8.26 4.39 2.60
CA PRO B 176 -6.82 4.44 2.70
C PRO B 176 -6.06 4.16 1.37
N LYS B 177 -6.42 3.11 0.67
CA LYS B 177 -5.72 2.84 -0.62
C LYS B 177 -5.82 3.99 -1.62
N ARG B 178 -7.01 4.53 -1.84
CA ARG B 178 -7.16 5.75 -2.67
C ARG B 178 -6.28 6.88 -2.24
N LEU B 179 -6.27 7.18 -0.97
CA LEU B 179 -5.48 8.31 -0.49
C LEU B 179 -3.97 8.03 -0.66
N GLN B 180 -3.57 6.77 -0.44
CA GLN B 180 -2.18 6.38 -0.63
C GLN B 180 -1.77 6.59 -2.06
N GLU B 181 -2.59 6.13 -2.95
CA GLU B 181 -2.35 6.26 -4.39
C GLU B 181 -2.31 7.73 -4.83
N TRP B 182 -3.13 8.57 -4.20
CA TRP B 182 -3.15 10.04 -4.47
C TRP B 182 -1.80 10.67 -4.13
N PHE B 183 -1.25 10.34 -2.96
CA PHE B 183 0.06 10.82 -2.55
C PHE B 183 1.13 10.27 -3.48
N LYS B 184 1.01 9.00 -3.86
CA LYS B 184 1.94 8.45 -4.83
C LYS B 184 1.97 9.19 -6.14
N LYS B 185 0.81 9.56 -6.66
CA LYS B 185 0.72 10.29 -7.90
C LYS B 185 1.40 11.61 -7.81
N MET B 186 1.13 12.32 -6.73
CA MET B 186 1.77 13.59 -6.44
C MET B 186 3.31 13.40 -6.42
N LEU B 187 3.77 12.44 -5.68
CA LEU B 187 5.21 12.24 -5.48
C LEU B 187 5.85 11.84 -6.79
N ASP B 188 5.15 11.03 -7.61
CA ASP B 188 5.72 10.64 -8.87
C ASP B 188 5.94 11.84 -9.81
N LYS B 189 5.01 12.76 -9.79
CA LYS B 189 5.11 13.98 -10.50
C LYS B 189 6.32 14.73 -9.96
N ALA B 190 6.47 14.80 -8.67
CA ALA B 190 7.63 15.47 -8.07
C ALA B 190 8.93 14.80 -8.45
N VAL B 191 8.94 13.50 -8.57
CA VAL B 191 10.15 12.82 -9.02
C VAL B 191 10.45 13.14 -10.49
N SER B 192 9.41 13.16 -11.32
N SER B 192 9.42 13.17 -11.33
CA SER B 192 9.57 13.46 -12.75
CA SER B 192 9.66 13.46 -12.76
C SER B 192 10.19 14.85 -12.92
C SER B 192 10.19 14.88 -12.94
N GLU B 193 9.78 15.79 -12.06
CA GLU B 193 10.36 17.17 -12.07
C GLU B 193 11.72 17.28 -11.41
N ARG B 194 12.22 16.17 -10.91
CA ARG B 194 13.54 16.14 -10.22
C ARG B 194 13.56 17.02 -8.93
N ILE B 195 12.42 17.15 -8.30
CA ILE B 195 12.31 17.77 -6.96
C ILE B 195 12.55 16.73 -5.90
N VAL B 196 11.77 15.67 -5.95
CA VAL B 196 11.90 14.53 -5.02
C VAL B 196 12.87 13.56 -5.69
N HIS B 197 13.86 13.14 -4.92
CA HIS B 197 14.81 12.10 -5.41
C HIS B 197 14.16 10.73 -5.47
N ASP B 198 13.58 10.29 -4.36
CA ASP B 198 12.83 9.02 -4.32
C ASP B 198 12.05 9.03 -3.05
N TYR B 199 11.23 8.01 -2.86
CA TYR B 199 10.51 7.86 -1.63
C TYR B 199 10.26 6.40 -1.33
N LYS B 200 10.03 6.11 -0.07
CA LYS B 200 9.88 4.77 0.41
C LYS B 200 8.91 4.76 1.52
N ASP B 201 8.20 3.67 1.64
CA ASP B 201 7.39 3.44 2.82
C ASP B 201 8.31 3.31 4.03
N ILE B 202 7.74 3.46 5.21
CA ILE B 202 8.57 3.58 6.43
C ILE B 202 9.36 2.28 6.72
N PHE B 203 8.71 1.16 6.42
CA PHE B 203 9.31 -0.20 6.69
C PHE B 203 10.46 -0.45 5.74
N LYS B 204 10.25 -0.16 4.48
CA LYS B 204 11.29 -0.18 3.48
C LYS B 204 12.42 0.75 3.77
N GLN B 205 12.12 1.96 4.25
CA GLN B 205 13.17 2.91 4.48
C GLN B 205 14.04 2.47 5.66
N ALA B 206 13.41 1.99 6.71
CA ALA B 206 14.16 1.53 7.89
C ALA B 206 15.01 0.30 7.58
N THR B 207 14.39 -0.69 6.97
CA THR B 207 15.14 -1.90 6.54
C THR B 207 16.25 -1.45 5.60
N GLU B 208 15.86 -0.89 4.47
CA GLU B 208 16.85 -0.55 3.43
C GLU B 208 17.92 0.38 3.96
N ASP B 209 17.62 1.23 4.92
CA ASP B 209 18.63 2.18 5.49
C ASP B 209 19.48 1.63 6.67
N ARG B 210 19.34 0.36 7.03
CA ARG B 210 20.23 -0.25 8.05
C ARG B 210 20.02 0.33 9.44
N LEU B 211 18.86 0.95 9.62
CA LEU B 211 18.39 1.28 10.95
C LEU B 211 18.39 0.05 11.86
N THR B 212 18.98 0.24 13.03
CA THR B 212 19.15 -0.79 14.03
C THR B 212 18.41 -0.55 15.38
N SER B 213 17.89 0.65 15.64
CA SER B 213 17.31 1.00 16.96
C SER B 213 16.18 2.02 16.86
N ALA B 214 15.23 1.95 17.76
CA ALA B 214 14.11 2.90 17.75
C ALA B 214 14.53 4.36 17.93
N LYS B 215 15.69 4.60 18.53
CA LYS B 215 16.17 5.94 18.76
C LYS B 215 16.51 6.60 17.43
N GLU B 216 16.60 5.81 16.35
CA GLU B 216 16.97 6.41 15.10
C GLU B 216 15.75 6.85 14.30
N LEU B 217 14.54 6.54 14.75
CA LEU B 217 13.34 6.96 14.06
C LEU B 217 12.98 8.44 14.45
N PRO B 218 12.69 9.25 13.45
CA PRO B 218 12.26 10.59 13.82
C PRO B 218 11.02 10.59 14.69
N TYR B 219 10.98 11.62 15.55
CA TYR B 219 10.06 11.64 16.69
C TYR B 219 9.22 12.87 16.58
N PHE B 220 8.02 12.76 16.01
CA PHE B 220 7.19 13.89 15.67
C PHE B 220 5.99 14.07 16.64
N GLU B 221 5.58 15.31 16.80
CA GLU B 221 4.40 15.64 17.67
C GLU B 221 3.13 15.04 17.05
N GLY B 222 2.52 14.14 17.82
CA GLY B 222 1.24 13.58 17.37
C GLY B 222 1.29 12.47 16.36
N ASP B 223 2.48 12.05 15.94
CA ASP B 223 2.63 10.95 14.99
C ASP B 223 2.23 9.63 15.65
N PHE B 224 1.87 8.66 14.84
CA PHE B 224 1.55 7.27 15.29
C PHE B 224 2.72 6.63 16.04
N TRP B 225 3.93 6.78 15.53
CA TRP B 225 5.07 6.00 15.99
C TRP B 225 5.48 6.24 17.44
N PRO B 226 5.45 7.48 17.92
CA PRO B 226 5.78 7.62 19.32
C PRO B 226 4.79 6.89 20.25
N ASN B 227 3.50 6.87 19.89
CA ASN B 227 2.53 6.16 20.75
C ASN B 227 2.72 4.67 20.69
N VAL B 228 2.96 4.16 19.49
CA VAL B 228 3.34 2.78 19.30
C VAL B 228 4.49 2.40 20.22
N LEU B 229 5.60 3.13 20.11
CA LEU B 229 6.77 2.82 20.89
C LEU B 229 6.48 2.78 22.39
N GLU B 230 5.62 3.66 22.90
CA GLU B 230 5.29 3.67 24.32
C GLU B 230 4.51 2.42 24.70
N GLU B 231 3.43 2.16 23.95
CA GLU B 231 2.60 0.96 24.21
C GLU B 231 3.40 -0.30 24.06
N SER B 232 4.45 -0.21 23.23
CA SER B 232 5.44 -1.27 23.08
C SER B 232 6.64 -1.34 24.10
N ILE B 233 6.85 -0.34 24.96
CA ILE B 233 7.88 -0.50 26.01
C ILE B 233 7.34 -1.39 27.14
N LYS B 234 6.02 -1.36 27.33
CA LYS B 234 5.34 -2.25 28.28
C LYS B 234 5.82 -3.71 28.33
N GLU B 235 6.40 -4.24 27.26
CA GLU B 235 6.92 -5.63 27.30
C GLU B 235 7.97 -5.90 26.24
N GLN B 242 11.55 -4.95 18.00
CA GLN B 242 10.92 -6.21 18.31
C GLN B 242 9.72 -6.45 17.36
N LYS B 243 8.53 -6.65 17.94
CA LYS B 243 7.26 -6.62 17.21
C LYS B 243 7.03 -5.26 16.59
N LEU B 244 7.85 -4.30 16.94
CA LEU B 244 7.91 -3.03 16.25
C LEU B 244 8.00 -3.25 14.73
N TYR B 245 8.99 -4.03 14.27
CA TYR B 245 9.15 -4.26 12.82
C TYR B 245 7.86 -4.84 12.20
N ALA B 246 7.15 -5.67 12.96
CA ALA B 246 5.88 -6.23 12.47
C ALA B 246 4.80 -5.13 12.38
N THR B 247 4.80 -4.21 13.33
CA THR B 247 3.85 -3.11 13.29
C THR B 247 4.19 -2.16 12.12
N MET B 248 5.50 -2.04 11.86
CA MET B 248 6.02 -1.19 10.78
C MET B 248 5.61 -1.77 9.46
N GLU B 249 5.84 -3.09 9.29
CA GLU B 249 5.39 -3.78 8.07
C GLU B 249 3.89 -3.72 7.94
N LYS B 250 3.18 -3.95 9.03
CA LYS B 250 1.74 -3.95 8.95
C LYS B 250 1.21 -2.64 8.40
N HIS B 251 1.71 -1.52 8.88
CA HIS B 251 1.17 -0.22 8.46
C HIS B 251 2.07 0.54 7.46
N LYS B 252 2.94 -0.17 6.77
CA LYS B 252 3.96 0.47 5.89
C LYS B 252 3.34 1.41 4.83
N GLU B 253 2.22 1.00 4.26
CA GLU B 253 1.68 1.76 3.08
C GLU B 253 1.18 3.12 3.47
N VAL B 254 1.05 3.36 4.75
CA VAL B 254 0.43 4.51 5.25
C VAL B 254 1.48 5.64 5.45
N PHE B 255 2.75 5.26 5.55
CA PHE B 255 3.80 6.20 5.97
C PHE B 255 4.86 6.38 4.94
N PHE B 256 4.89 7.59 4.34
CA PHE B 256 5.88 7.93 3.29
C PHE B 256 7.05 8.70 3.81
N VAL B 257 8.27 8.27 3.44
CA VAL B 257 9.51 8.93 3.76
C VAL B 257 10.06 9.38 2.42
N ILE B 258 10.12 10.67 2.28
CA ILE B 258 10.33 11.31 1.01
C ILE B 258 11.69 11.98 1.02
N ARG B 259 12.61 11.48 0.19
CA ARG B 259 13.96 11.99 0.12
C ARG B 259 14.07 13.15 -0.87
N LEU B 260 14.32 14.37 -0.36
CA LEU B 260 14.38 15.56 -1.16
C LEU B 260 15.83 15.81 -1.59
N ILE B 261 16.81 15.41 -0.75
CA ILE B 261 18.26 15.77 -0.97
C ILE B 261 19.04 14.50 -0.72
N ALA B 262 19.76 14.06 -1.77
CA ALA B 262 20.73 12.91 -1.79
C ALA B 262 21.56 12.84 -0.54
N GLY B 263 21.76 11.62 -0.04
CA GLY B 263 22.58 11.36 1.14
C GLY B 263 23.88 12.15 1.27
N PRO B 264 24.79 12.03 0.28
CA PRO B 264 26.11 12.70 0.50
C PRO B 264 26.03 14.26 0.46
N ALA B 265 25.38 14.80 -0.59
CA ALA B 265 24.99 16.25 -0.69
C ALA B 265 24.33 16.81 0.56
N ALA B 266 23.55 15.97 1.24
CA ALA B 266 23.02 16.34 2.53
C ALA B 266 24.05 16.76 3.62
N ASN B 267 25.16 16.02 3.77
CA ASN B 267 26.10 16.33 4.87
C ASN B 267 26.76 17.70 4.74
N SER B 268 26.93 18.15 3.49
CA SER B 268 27.63 19.39 3.21
C SER B 268 26.70 20.60 3.00
N LEU B 269 25.49 20.58 3.51
CA LEU B 269 24.56 21.73 3.34
C LEU B 269 24.89 22.79 4.39
N PRO B 270 24.59 24.06 4.09
CA PRO B 270 24.68 25.15 5.06
C PRO B 270 23.54 25.13 6.07
N PRO B 271 23.65 25.87 7.19
CA PRO B 271 22.51 25.96 8.13
C PRO B 271 21.22 26.41 7.44
N ILE B 272 20.11 25.83 7.81
CA ILE B 272 18.80 26.31 7.32
C ILE B 272 18.51 27.69 7.95
N VAL B 273 18.18 28.67 7.11
CA VAL B 273 17.77 29.97 7.60
C VAL B 273 16.40 30.26 6.98
N ASP B 274 15.35 30.19 7.76
CA ASP B 274 13.97 30.47 7.26
C ASP B 274 13.79 31.98 7.23
N PRO B 275 13.63 32.56 6.02
CA PRO B 275 13.49 34.02 5.90
C PRO B 275 12.15 34.60 6.44
N ASP B 276 11.16 33.75 6.74
CA ASP B 276 9.82 34.26 7.11
C ASP B 276 9.74 34.39 8.62
N PRO B 277 9.19 35.50 9.09
CA PRO B 277 9.04 35.65 10.51
C PRO B 277 8.00 34.76 11.11
N LEU B 278 8.07 34.66 12.43
CA LEU B 278 6.98 34.08 13.20
C LEU B 278 5.72 34.89 13.00
N ILE B 279 4.61 34.21 13.13
CA ILE B 279 3.26 34.76 12.93
C ILE B 279 2.41 34.19 14.03
N PRO B 280 2.35 34.93 15.13
CA PRO B 280 1.48 34.55 16.20
C PRO B 280 0.05 34.73 15.62
N CYS B 281 -0.71 33.67 15.77
CA CYS B 281 -2.09 33.68 15.49
C CYS B 281 -2.67 32.53 16.26
N ASP B 282 -3.28 32.82 17.40
CA ASP B 282 -3.77 31.72 18.25
C ASP B 282 -4.90 30.93 17.55
N LEU B 283 -5.68 31.60 16.75
CA LEU B 283 -6.79 30.97 16.05
C LEU B 283 -6.30 29.75 15.20
N MET B 284 -5.07 29.86 14.72
CA MET B 284 -4.54 28.92 13.72
C MET B 284 -3.34 28.15 14.29
N ASP B 285 -3.23 28.14 15.62
CA ASP B 285 -2.21 27.34 16.31
C ASP B 285 -2.76 25.93 16.51
N GLY B 286 -2.49 25.09 15.52
CA GLY B 286 -3.06 23.78 15.40
C GLY B 286 -4.49 23.91 14.89
N ARG B 287 -5.16 22.77 14.79
CA ARG B 287 -6.46 22.69 14.07
C ARG B 287 -7.66 22.95 14.98
N ASP B 288 -7.52 22.88 16.30
CA ASP B 288 -8.70 22.89 17.15
C ASP B 288 -9.45 24.22 17.15
N ALA B 289 -8.69 25.31 17.18
CA ALA B 289 -9.37 26.59 17.46
C ALA B 289 -10.23 27.04 16.27
N PHE B 290 -9.83 26.73 15.03
CA PHE B 290 -10.62 27.11 13.85
C PHE B 290 -11.89 26.25 13.69
N LEU B 291 -11.75 25.00 14.08
CA LEU B 291 -12.92 24.12 14.16
C LEU B 291 -13.85 24.66 15.22
N THR B 292 -13.32 25.12 16.33
CA THR B 292 -14.20 25.68 17.43
C THR B 292 -14.92 26.96 17.00
N LEU B 293 -14.17 27.82 16.33
CA LEU B 293 -14.69 29.06 15.85
C LEU B 293 -15.87 28.81 14.88
N ALA B 294 -15.70 27.87 13.95
CA ALA B 294 -16.73 27.57 13.01
C ALA B 294 -17.96 26.97 13.69
N ARG B 295 -17.76 26.09 14.66
CA ARG B 295 -18.91 25.58 15.42
C ARG B 295 -19.63 26.68 16.08
N ASP B 296 -18.88 27.50 16.81
CA ASP B 296 -19.48 28.47 17.65
C ASP B 296 -20.20 29.49 16.86
N LYS B 297 -19.72 29.76 15.66
CA LYS B 297 -20.39 30.74 14.84
C LYS B 297 -21.31 30.15 13.76
N HIS B 298 -21.64 28.89 13.85
CA HIS B 298 -22.64 28.29 12.94
C HIS B 298 -22.18 28.43 11.49
N LEU B 299 -20.90 28.26 11.31
CA LEU B 299 -20.27 28.24 9.99
C LEU B 299 -20.18 26.80 9.52
N GLU B 300 -20.18 26.64 8.21
CA GLU B 300 -20.01 25.33 7.59
C GLU B 300 -19.26 25.54 6.29
N PHE B 301 -18.60 24.48 5.81
CA PHE B 301 -18.00 24.47 4.51
C PHE B 301 -18.73 23.48 3.61
N SER B 302 -20.05 23.46 3.71
CA SER B 302 -20.84 22.41 3.19
C SER B 302 -21.46 22.67 1.80
N SER B 303 -21.39 23.92 1.33
CA SER B 303 -21.77 24.25 -0.02
C SER B 303 -20.85 25.39 -0.48
N LEU B 304 -20.90 25.75 -1.77
CA LEU B 304 -20.00 26.78 -2.23
C LEU B 304 -20.31 28.09 -1.48
N ARG B 305 -21.60 28.42 -1.41
CA ARG B 305 -21.96 29.68 -0.78
C ARG B 305 -21.71 29.66 0.73
N ARG B 306 -21.97 28.55 1.39
CA ARG B 306 -21.59 28.52 2.79
C ARG B 306 -20.08 28.60 3.02
N ALA B 307 -19.31 27.91 2.16
CA ALA B 307 -17.85 27.92 2.27
C ALA B 307 -17.31 29.34 1.96
N GLN B 308 -17.98 30.06 1.06
CA GLN B 308 -17.58 31.45 0.79
C GLN B 308 -17.89 32.38 1.97
N TRP B 309 -19.02 32.17 2.64
CA TRP B 309 -19.35 32.99 3.79
C TRP B 309 -18.36 32.68 4.93
N SER B 310 -18.10 31.40 5.14
CA SER B 310 -17.16 31.02 6.20
C SER B 310 -15.75 31.52 5.89
N THR B 311 -15.38 31.56 4.62
CA THR B 311 -14.10 32.13 4.21
C THR B 311 -14.05 33.61 4.56
N MET B 312 -15.13 34.36 4.28
CA MET B 312 -15.15 35.76 4.66
C MET B 312 -15.02 35.95 6.17
N CYS B 313 -15.70 35.10 6.90
CA CYS B 313 -15.68 35.17 8.37
C CYS B 313 -14.26 34.87 8.87
N MET B 314 -13.64 33.86 8.30
CA MET B 314 -12.25 33.49 8.59
C MET B 314 -11.30 34.66 8.36
N LEU B 315 -11.42 35.29 7.19
CA LEU B 315 -10.59 36.39 6.78
C LEU B 315 -10.79 37.63 7.68
N VAL B 316 -12.07 37.98 7.98
CA VAL B 316 -12.35 39.05 8.95
C VAL B 316 -11.64 38.75 10.30
N GLU B 317 -11.70 37.51 10.78
CA GLU B 317 -11.03 37.21 12.03
C GLU B 317 -9.53 37.46 11.90
N LEU B 318 -8.97 36.98 10.79
CA LEU B 318 -7.49 37.06 10.61
C LEU B 318 -7.06 38.51 10.45
N HIS B 319 -7.88 39.31 9.77
CA HIS B 319 -7.54 40.73 9.56
C HIS B 319 -7.88 41.63 10.73
N THR B 320 -8.76 41.18 11.61
CA THR B 320 -9.27 42.05 12.71
C THR B 320 -8.86 41.68 14.13
N GLN B 321 -8.19 40.54 14.31
CA GLN B 321 -8.00 40.05 15.65
C GLN B 321 -7.01 40.92 16.41
N SER B 322 -7.37 41.16 17.68
CA SER B 322 -6.54 41.77 18.72
C SER B 322 -5.81 43.02 18.30
N1A COA C . 1.92 -35.28 10.87
C2A COA C . 1.11 -36.34 10.63
N3A COA C . 0.10 -36.30 9.71
C4A COA C . -0.14 -35.17 8.98
C5A COA C . 0.71 -33.99 9.17
C6A COA C . 1.77 -34.10 10.21
N6A COA C . 2.56 -33.06 10.40
N7A COA C . 0.27 -33.02 8.29
C8A COA C . -0.79 -33.57 7.65
N9A COA C . -1.04 -34.82 8.04
C1B COA C . -2.08 -35.72 7.55
C2B COA C . -3.41 -35.02 7.69
O2B COA C . -3.93 -35.12 9.01
C3B COA C . -4.24 -35.75 6.68
O3B COA C . -4.66 -36.99 7.18
P3B COA C . -6.08 -37.60 6.75
O7A COA C . -6.44 -36.95 5.42
O8A COA C . -5.96 -39.06 6.76
O9A COA C . -6.91 -37.13 7.90
C4B COA C . -3.27 -36.04 5.58
O4B COA C . -1.93 -36.00 6.18
C5B COA C . -3.26 -35.04 4.41
O5B COA C . -3.07 -33.74 4.93
P1A COA C . -2.22 -32.59 4.20
O1A COA C . -2.34 -31.31 4.96
O2A COA C . -0.85 -33.02 3.70
O3A COA C . -2.97 -32.48 2.74
P2A COA C . -4.42 -31.73 2.44
O4A COA C . -4.60 -32.10 0.97
O5A COA C . -5.51 -32.11 3.45
O6A COA C . -4.00 -30.14 2.62
CBP COA C . -2.78 -28.10 2.28
CCP COA C . -2.87 -29.56 1.94
CDP COA C . -1.47 -27.54 1.79
CEP COA C . -3.88 -27.40 1.47
CAP COA C . -3.02 -27.92 3.79
OAP COA C . -2.03 -28.67 4.56
C9P COA C . -2.90 -26.46 4.20
O9P COA C . -3.83 -25.64 4.02
N8P COA C . -1.74 -26.11 4.80
C7P COA C . -1.47 -24.77 5.27
C6P COA C . -1.04 -23.84 4.13
C5P COA C . 0.25 -24.24 3.38
O5P COA C . 1.04 -25.12 3.84
N4P COA C . 0.51 -23.64 2.22
C3P COA C . 1.69 -24.08 1.42
C2P COA C . 2.27 -23.49 0.12
S1P COA C . 1.97 -21.69 0.03
CAH OK7 D . 13.25 -17.38 -8.55
CAG OK7 D . 12.27 -18.57 -8.36
OAI OK7 D . 12.22 -19.47 -9.24
NAF OK7 D . 11.43 -18.43 -7.30
CAE OK7 D . 10.51 -19.42 -7.04
SAA OK7 D . 10.53 -21.15 -7.67
CAB OK7 D . 9.18 -21.46 -6.88
CAC OK7 D . 8.68 -20.39 -6.21
CAD OK7 D . 9.44 -19.27 -6.29
N1A COA E . -15.49 6.13 -3.03
C2A COA E . -15.63 6.42 -4.32
N3A COA E . -15.10 7.51 -4.96
C4A COA E . -14.34 8.32 -4.14
C5A COA E . -14.14 8.06 -2.73
C6A COA E . -14.73 6.86 -2.16
N6A COA E . -14.61 6.59 -0.88
N7A COA E . -13.34 9.06 -2.21
C8A COA E . -13.08 9.86 -3.27
N9A COA E . -13.65 9.42 -4.42
C1B COA E . -13.60 10.05 -5.73
C2B COA E . -14.08 11.47 -5.64
O2B COA E . -15.53 11.57 -5.68
C3B COA E . -13.40 12.12 -6.81
O3B COA E . -14.19 11.96 -8.03
P3B COA E . -14.04 12.99 -9.19
O7A COA E . -14.82 12.37 -10.32
O8A COA E . -14.26 14.42 -8.86
O9A COA E . -12.55 12.96 -9.51
C4B COA E . -12.13 11.35 -6.90
O4B COA E . -12.28 10.11 -6.22
C5B COA E . -10.93 12.08 -6.31
O5B COA E . -11.29 12.46 -4.97
P1A COA E . -10.15 12.40 -3.83
O1A COA E . -9.35 11.16 -3.79
O2A COA E . -10.85 12.94 -2.59
O3A COA E . -9.00 13.48 -4.37
P2A COA E . -9.10 15.07 -4.32
O4A COA E . -7.86 15.49 -5.10
O5A COA E . -10.38 15.64 -4.77
O6A COA E . -8.92 15.38 -2.74
CBP COA E . -8.03 15.28 -0.53
CCP COA E . -7.95 14.79 -1.96
CDP COA E . -7.12 14.31 0.22
CEP COA E . -7.51 16.73 -0.55
CAP COA E . -9.47 15.25 -0.08
OAP COA E . -9.90 13.85 -0.21
C9P COA E . -9.59 15.60 1.39
O9P COA E . -9.61 16.77 1.72
N8P COA E . -9.67 14.62 2.27
C7P COA E . -9.86 14.92 3.68
C6P COA E . -8.52 15.10 4.36
C5P COA E . -7.48 13.98 4.39
O5P COA E . -7.88 12.86 4.07
N4P COA E . -6.19 14.25 4.73
C3P COA E . -5.07 13.17 4.81
C2P COA E . -3.46 12.97 5.05
S1P COA E . -3.46 14.26 6.38
CAH OK7 F . 8.93 7.94 12.26
CAG OK7 F . 8.40 8.30 10.91
OAI OK7 F . 9.09 8.23 9.88
NAF OK7 F . 7.17 8.88 10.98
CAE OK7 F . 6.55 9.21 9.85
SAA OK7 F . 6.97 8.61 8.19
CAB OK7 F . 5.61 9.44 7.54
CAC OK7 F . 4.97 10.16 8.49
CAD OK7 F . 5.48 9.96 9.78
#